data_9ASA
#
_entry.id   9ASA
#
_cell.length_a   1.00
_cell.length_b   1.00
_cell.length_c   1.00
_cell.angle_alpha   90.00
_cell.angle_beta   90.00
_cell.angle_gamma   90.00
#
_symmetry.space_group_name_H-M   'P 1'
#
loop_
_entity.id
_entity.type
_entity.pdbx_description
1 polymer '5-hydroxytryptamine receptor 2A'
2 polymer 'G subunit q (Gi2-mini-Gq chimeric)'
3 polymer 'Guanine nucleotide-binding protein G(I)/G(S)/G(T) subunit beta-1'
4 polymer 'Guanine nucleotide-binding protein G(I)/G(S)/G(O) subunit gamma-2'
5 polymer 'single chain Fab (svFv16)'
6 non-polymer 2,5-dimethoxy-N,N-dimethyl-4-{2-[({2-[(prop-2-yn-1-yl)oxy]phenyl}methyl)amino]ethyl}aniline
#
loop_
_entity_poly.entity_id
_entity_poly.type
_entity_poly.pdbx_seq_one_letter_code
_entity_poly.pdbx_strand_id
1 'polypeptide(L)'
;MDILCEENTSLSSTTNSLMQLNDDTRLYSNDFNSGEANTSDAFNWTVDSENRTNLSCEGCLSPSCLSLLHLQEKNWSALL
TAVVIILTIAGNILVIMAVSLEKKLQNATNYFLMSLAIADMLLGFLVMPVSMLTILYGYRWPLPSKLCAVWIYLDVLFST
ASIMHLCAISLDRYVAIQNPIHHSRFNSRTKAFLKIIAVWTISVGISMPIPVFGLQDDSKVFKEGSCLLADDNFVLIGSF
VSFFIPLTIMVITYFLTIKSLQKEATLCVSDLGTRAKLASFSFLPQSSLSSEKLFQRSIHREPGSYTGRRTMQSISNEQK
ACKVLGIVFFLFVVMWCPFFITNIMAVICKESCNEDVIGALLNVFVWIGYLSSAVNPLVYTLFNKTYRSAFSRYIQCQYK
ENKKPLQLILVNTIPALAYKSSQLQMGQKKNSKQDAKTTDNDCSMVALGKQHSEEASKDNSDGVNEKVSCV
;
A
2 'polypeptide(L)'
;MGSTVSAEDKAAAERSKMIDKNLREDGEKARRTLRLLLLGADNSGKSTIVKQMRILHGGSGGSGGTSGIFETKFQVDKVN
FHMFDVGGQRDERRKWIQCFNDVTAIIFVVDSSDYNRLQEALNDFKSIWNNRWLRTISVILFLNKQDLLAEKVLAGKSKI
EDYFPEFARYTTPEDATPEPGEDPRVTRAKYFIRKEFVDISTASGDGRHICYPHFTCAVDTENARRIFNDCKDIILQMNL
REYNLV
;
B
3 'polypeptide(L)'
;MHHHHHHLEVLFQGPGSSGSELDQLRQEAEQLKNQIRDARKACADATLSQITNNIDPVGRIQMRTRRTLRGHLAKIYAMH
WGTDSRLLVSASQDGKLIIWDSYTTNKVHAIPLRSSWVMTCAYAPSGNYVACGGLDNICSIYNLKTREGNVRVSRELAGH
TGYLSCCRFLDDNQIVTSSGDTTCALWDIETGQQTTTFTGHTGDVMSLSLAPDTRLFVSGACDASAKLWDVREGMCRQTF
TGHESDINAICFFPNGNAFATGSDDATCRLFDLRADQELMTYSHDNIICGITSVSFSKSGRLLLAGYDDFNCNVWDALKA
DRAGVLAGHDNRVSCLGVTDDGMAVATGSWDSFLKIWN
;
C
4 'polypeptide(L)' MASNNTASIAQARKLVEQLKMEANIDRIKVSKAAADLMAYCEAHAKEDPLLTPVPASENPFREKKFFCAIL D
5 'polypeptide(L)'
;DVQLVESGGGLVQPGGSRKLSCSASGFAFSSFGMHWVRQAPEKGLEWVAYISSGSGTIYYADTVKGRFTISRDDPKNTLF
LQMTSLRSEDTAMYYCVRSIYYYGSSPFDFWGQGTTLTVSSGGGGSGGGGSGGGGSDIVMTQATSSVPVTPGESVSISCR
SSKSLLHSNGNTYLYWFLQRPGQSPQLLIYRMSNLASGVPDRFSGSGSGTAFTLTISRLEAEDVGVYYCMQHLEYPLTFG
AGTKLELKAAALEVLFQGPHHHHHHHH
;
E
#
loop_
_chem_comp.id
_chem_comp.type
_chem_comp.name
_chem_comp.formula
A1AFX non-polymer 2,5-dimethoxy-N,N-dimethyl-4-{2-[({2-[(prop-2-yn-1-yl)oxy]phenyl}methyl)amino]ethyl}aniline 'C22 H28 N2 O3'
#
# COMPACT_ATOMS: atom_id res chain seq x y z
N VAL A 83 -10.81 44.98 7.72
CA VAL A 83 -11.28 44.17 6.60
C VAL A 83 -10.12 43.37 6.01
N VAL A 84 -8.92 43.97 6.00
CA VAL A 84 -7.74 43.23 5.55
C VAL A 84 -7.44 42.09 6.52
N ILE A 85 -7.64 42.33 7.82
CA ILE A 85 -7.37 41.29 8.81
C ILE A 85 -8.34 40.12 8.62
N ILE A 86 -9.61 40.42 8.32
CA ILE A 86 -10.60 39.37 8.16
C ILE A 86 -10.23 38.49 6.98
N LEU A 87 -9.90 39.10 5.83
CA LEU A 87 -9.52 38.31 4.67
C LEU A 87 -8.24 37.53 4.91
N THR A 88 -7.25 38.17 5.55
CA THR A 88 -5.97 37.51 5.79
C THR A 88 -6.14 36.27 6.66
N ILE A 89 -6.96 36.37 7.71
CA ILE A 89 -7.21 35.22 8.56
C ILE A 89 -8.03 34.18 7.81
N ALA A 90 -9.09 34.61 7.13
CA ALA A 90 -10.06 33.68 6.56
C ALA A 90 -9.46 32.85 5.44
N GLY A 91 -8.71 33.48 4.54
CA GLY A 91 -8.16 32.75 3.42
C GLY A 91 -7.20 31.64 3.85
N ASN A 92 -6.29 31.96 4.77
CA ASN A 92 -5.40 30.94 5.29
C ASN A 92 -6.16 29.88 6.06
N ILE A 93 -7.24 30.28 6.76
CA ILE A 93 -8.03 29.31 7.49
C ILE A 93 -8.69 28.33 6.53
N LEU A 94 -9.13 28.81 5.36
CA LEU A 94 -9.70 27.89 4.38
C LEU A 94 -8.63 27.01 3.76
N VAL A 95 -7.44 27.57 3.50
CA VAL A 95 -6.38 26.78 2.88
C VAL A 95 -5.94 25.64 3.80
N ILE A 96 -5.79 25.91 5.10
CA ILE A 96 -5.27 24.89 6.01
C ILE A 96 -6.27 23.74 6.17
N MET A 97 -7.57 24.04 6.21
CA MET A 97 -8.55 22.97 6.33
C MET A 97 -8.70 22.20 5.02
N ALA A 98 -8.57 22.88 3.88
CA ALA A 98 -8.81 22.24 2.59
C ALA A 98 -7.81 21.13 2.31
N VAL A 99 -6.58 21.27 2.80
CA VAL A 99 -5.62 20.18 2.67
C VAL A 99 -6.08 18.98 3.48
N SER A 100 -6.68 19.22 4.65
CA SER A 100 -7.13 18.12 5.49
C SER A 100 -8.48 17.57 5.02
N LEU A 101 -9.44 18.44 4.75
CA LEU A 101 -10.77 17.97 4.36
C LEU A 101 -10.73 17.23 3.03
N GLU A 102 -9.95 17.72 2.09
CA GLU A 102 -9.72 17.05 0.80
C GLU A 102 -8.35 16.40 0.83
N LYS A 103 -8.33 15.07 0.80
CA LYS A 103 -7.10 14.31 0.85
C LYS A 103 -6.43 14.15 -0.51
N LYS A 104 -7.06 14.62 -1.58
CA LYS A 104 -6.42 14.59 -2.89
C LYS A 104 -5.15 15.42 -2.89
N LEU A 105 -5.12 16.51 -2.13
CA LEU A 105 -3.96 17.40 -2.07
C LEU A 105 -3.10 17.01 -0.87
N GLN A 106 -2.73 15.73 -0.84
CA GLN A 106 -1.78 15.20 0.13
C GLN A 106 -0.37 15.14 -0.43
N ASN A 107 -0.13 15.73 -1.61
CA ASN A 107 1.20 15.75 -2.18
C ASN A 107 2.16 16.54 -1.30
N ALA A 108 3.45 16.36 -1.56
CA ALA A 108 4.48 17.01 -0.75
C ALA A 108 4.39 18.53 -0.88
N THR A 109 4.08 19.02 -2.07
CA THR A 109 4.03 20.47 -2.29
C THR A 109 2.95 21.13 -1.44
N ASN A 110 1.77 20.50 -1.36
CA ASN A 110 0.69 21.15 -0.64
C ASN A 110 0.93 21.18 0.87
N TYR A 111 1.88 20.41 1.40
CA TYR A 111 2.24 20.57 2.80
C TYR A 111 3.01 21.88 3.00
N PHE A 112 3.96 22.19 2.11
CA PHE A 112 4.55 23.52 2.09
C PHE A 112 3.51 24.61 1.94
N LEU A 113 2.54 24.39 1.05
CA LEU A 113 1.54 25.42 0.81
C LEU A 113 0.66 25.64 2.05
N MET A 114 0.34 24.55 2.74
CA MET A 114 -0.46 24.68 3.99
C MET A 114 0.40 25.32 5.10
N SER A 115 1.72 25.10 5.08
CA SER A 115 2.58 25.74 6.09
C SER A 115 2.69 27.24 5.85
N LEU A 116 2.79 27.65 4.58
CA LEU A 116 2.76 29.07 4.27
C LEU A 116 1.44 29.68 4.70
N ALA A 117 0.34 28.95 4.48
CA ALA A 117 -0.97 29.41 4.98
C ALA A 117 -0.97 29.51 6.51
N ILE A 118 -0.27 28.60 7.19
CA ILE A 118 -0.19 28.63 8.64
C ILE A 118 0.50 29.90 9.08
N ALA A 119 1.64 30.22 8.46
CA ALA A 119 2.38 31.42 8.83
C ALA A 119 1.53 32.67 8.59
N ASP A 120 0.85 32.72 7.45
CA ASP A 120 0.03 33.89 7.14
C ASP A 120 -1.15 34.03 8.12
N MET A 121 -1.81 32.92 8.45
CA MET A 121 -2.95 32.97 9.36
C MET A 121 -2.51 33.34 10.76
N LEU A 122 -1.37 32.81 11.20
CA LEU A 122 -0.83 33.19 12.50
C LEU A 122 -0.50 34.67 12.54
N LEU A 123 0.09 35.20 11.46
CA LEU A 123 0.38 36.62 11.39
C LEU A 123 -0.90 37.45 11.45
N GLY A 124 -1.95 37.01 10.75
CA GLY A 124 -3.20 37.74 10.78
C GLY A 124 -3.86 37.72 12.14
N PHE A 125 -3.81 36.57 12.81
CA PHE A 125 -4.49 36.43 14.10
C PHE A 125 -3.77 37.20 15.20
N LEU A 126 -2.44 37.05 15.28
CA LEU A 126 -1.72 37.54 16.46
C LEU A 126 -1.35 39.01 16.34
N VAL A 127 -0.97 39.46 15.14
CA VAL A 127 -0.25 40.73 14.97
C VAL A 127 -1.19 41.85 14.51
N MET A 128 -1.93 41.61 13.44
CA MET A 128 -2.56 42.71 12.70
C MET A 128 -3.65 43.45 13.48
N PRO A 129 -4.55 42.80 14.23
CA PRO A 129 -5.50 43.60 15.03
C PRO A 129 -4.85 44.53 16.02
N VAL A 130 -3.68 44.16 16.54
CA VAL A 130 -2.94 45.07 17.43
C VAL A 130 -2.57 46.34 16.69
N SER A 131 -2.09 46.22 15.45
CA SER A 131 -1.73 47.40 14.69
C SER A 131 -2.96 48.25 14.39
N MET A 132 -4.10 47.61 14.11
CA MET A 132 -5.33 48.38 13.93
C MET A 132 -5.70 49.12 15.21
N LEU A 133 -5.49 48.48 16.36
CA LEU A 133 -5.78 49.12 17.63
C LEU A 133 -4.88 50.32 17.87
N THR A 134 -3.59 50.20 17.55
CA THR A 134 -2.69 51.34 17.69
C THR A 134 -3.12 52.46 16.77
N ILE A 135 -3.60 52.12 15.57
CA ILE A 135 -4.08 53.15 14.65
C ILE A 135 -5.27 53.89 15.25
N LEU A 136 -6.20 53.16 15.86
CA LEU A 136 -7.32 53.83 16.51
C LEU A 136 -6.84 54.69 17.68
N TYR A 137 -5.93 54.18 18.50
CA TYR A 137 -5.51 54.85 19.74
C TYR A 137 -4.45 55.94 19.49
N GLY A 138 -3.99 56.19 18.26
CA GLY A 138 -3.10 57.32 17.93
C GLY A 138 -1.67 56.95 17.69
N TYR A 139 -1.31 55.70 17.56
CA TYR A 139 0.08 55.21 17.34
C TYR A 139 0.90 55.21 18.64
N ARG A 140 0.30 55.34 19.83
CA ARG A 140 0.99 55.17 21.13
C ARG A 140 0.74 53.71 21.54
N TRP A 141 1.61 52.96 22.26
CA TRP A 141 1.46 51.52 22.60
C TRP A 141 0.65 51.41 23.91
N PRO A 142 -0.69 51.23 23.89
CA PRO A 142 -1.46 51.03 25.12
C PRO A 142 -1.05 49.73 25.81
N LEU A 143 -0.73 48.68 25.03
CA LEU A 143 -0.38 47.34 25.57
C LEU A 143 0.75 47.41 26.60
N PRO A 144 0.94 46.40 27.47
CA PRO A 144 2.04 46.37 28.44
C PRO A 144 3.39 46.56 27.77
N SER A 145 4.33 47.13 28.51
CA SER A 145 5.54 47.67 27.90
C SER A 145 6.38 46.58 27.25
N LYS A 146 6.67 45.49 27.95
CA LYS A 146 7.59 44.50 27.41
C LYS A 146 6.94 43.68 26.31
N LEU A 147 5.62 43.65 26.25
CA LEU A 147 4.96 42.88 25.20
C LEU A 147 5.27 43.47 23.82
N CYS A 148 5.48 44.79 23.76
CA CYS A 148 5.99 45.46 22.57
C CYS A 148 7.22 44.75 22.00
N ALA A 149 8.08 44.22 22.88
CA ALA A 149 9.27 43.54 22.40
C ALA A 149 8.93 42.28 21.60
N VAL A 150 7.95 41.50 22.08
CA VAL A 150 7.68 40.22 21.41
C VAL A 150 6.83 40.42 20.17
N TRP A 151 5.93 41.43 20.20
CA TRP A 151 5.13 41.75 19.04
C TRP A 151 5.98 41.92 17.79
N ILE A 152 6.99 42.79 17.89
CA ILE A 152 7.91 42.99 16.78
C ILE A 152 8.59 41.68 16.41
N TYR A 153 8.98 40.89 17.42
CA TYR A 153 9.59 39.59 17.15
C TYR A 153 8.65 38.70 16.34
N LEU A 154 7.37 38.67 16.72
CA LEU A 154 6.40 37.92 15.92
C LEU A 154 6.37 38.47 14.50
N ASP A 155 6.31 39.77 14.36
CA ASP A 155 6.22 40.34 13.01
C ASP A 155 7.51 40.02 12.26
N VAL A 156 8.66 39.73 12.89
CA VAL A 156 9.82 39.27 12.13
C VAL A 156 9.68 37.79 11.80
N LEU A 157 9.26 36.97 12.76
CA LEU A 157 9.33 35.53 12.56
C LEU A 157 8.27 35.06 11.56
N PHE A 158 7.04 35.51 11.74
CA PHE A 158 5.96 35.07 10.85
C PHE A 158 6.14 35.65 9.46
N SER A 159 6.63 36.89 9.38
CA SER A 159 6.86 37.50 8.07
C SER A 159 8.11 36.94 7.39
N THR A 160 9.18 36.70 8.15
CA THR A 160 10.37 36.11 7.55
C THR A 160 10.10 34.69 7.09
N ALA A 161 9.25 33.96 7.82
CA ALA A 161 8.93 32.59 7.43
C ALA A 161 8.23 32.54 6.09
N SER A 162 7.28 33.45 5.86
CA SER A 162 6.56 33.47 4.59
C SER A 162 7.50 33.75 3.43
N ILE A 163 8.42 34.70 3.60
CA ILE A 163 9.38 35.00 2.54
C ILE A 163 10.27 33.80 2.27
N MET A 164 10.70 33.11 3.33
CA MET A 164 11.53 31.93 3.14
C MET A 164 10.74 30.78 2.53
N HIS A 165 9.45 30.65 2.89
CA HIS A 165 8.61 29.66 2.25
C HIS A 165 8.52 29.91 0.76
N LEU A 166 8.29 31.15 0.35
CA LEU A 166 8.16 31.44 -1.07
C LEU A 166 9.50 31.32 -1.80
N CYS A 167 10.59 31.64 -1.10
CA CYS A 167 11.93 31.47 -1.69
C CYS A 167 12.19 29.98 -1.95
N ALA A 168 11.89 29.13 -0.97
CA ALA A 168 12.07 27.68 -1.14
C ALA A 168 11.14 27.15 -2.22
N ILE A 169 9.91 27.66 -2.29
CA ILE A 169 9.01 27.26 -3.36
C ILE A 169 9.60 27.60 -4.72
N SER A 170 10.17 28.80 -4.85
CA SER A 170 10.77 29.20 -6.11
C SER A 170 11.96 28.32 -6.47
N LEU A 171 12.82 28.02 -5.49
CA LEU A 171 13.97 27.15 -5.75
C LEU A 171 13.51 25.76 -6.20
N ASP A 172 12.58 25.17 -5.46
CA ASP A 172 12.15 23.81 -5.78
C ASP A 172 11.41 23.76 -7.11
N ARG A 173 10.58 24.76 -7.39
CA ARG A 173 9.83 24.75 -8.64
C ARG A 173 10.78 24.98 -9.83
N TYR A 174 11.81 25.81 -9.64
CA TYR A 174 12.80 25.95 -10.71
C TYR A 174 13.53 24.63 -10.95
N VAL A 175 13.89 23.93 -9.89
CA VAL A 175 14.56 22.63 -10.05
C VAL A 175 13.63 21.66 -10.76
N ALA A 176 12.33 21.71 -10.45
CA ALA A 176 11.37 20.84 -11.11
C ALA A 176 11.27 21.14 -12.60
N ILE A 177 11.21 22.43 -12.97
CA ILE A 177 11.09 22.80 -14.38
C ILE A 177 12.37 22.44 -15.12
N GLN A 178 13.53 22.81 -14.59
CA GLN A 178 14.77 22.65 -15.35
C GLN A 178 15.11 21.17 -15.57
N ASN A 179 14.94 20.35 -14.54
CA ASN A 179 15.34 18.95 -14.57
C ASN A 179 14.21 18.08 -14.01
N PRO A 180 13.12 17.93 -14.76
CA PRO A 180 11.94 17.23 -14.20
C PRO A 180 12.21 15.78 -13.78
N ILE A 181 12.95 15.03 -14.59
CA ILE A 181 13.16 13.58 -14.30
C ILE A 181 14.00 13.43 -13.02
N HIS A 182 15.15 14.08 -12.95
CA HIS A 182 16.04 13.89 -11.81
C HIS A 182 15.38 14.39 -10.53
N HIS A 183 14.53 15.42 -10.64
CA HIS A 183 13.79 15.88 -9.47
C HIS A 183 12.85 14.80 -8.95
N SER A 184 12.30 13.99 -9.85
CA SER A 184 11.42 12.89 -9.42
C SER A 184 12.19 11.83 -8.65
N ARG A 185 13.48 11.64 -8.98
CA ARG A 185 14.28 10.66 -8.25
C ARG A 185 14.43 11.06 -6.80
N PHE A 186 14.63 12.35 -6.53
CA PHE A 186 14.75 12.88 -5.18
C PHE A 186 13.48 13.57 -4.69
N ASN A 187 12.34 13.34 -5.35
CA ASN A 187 11.10 14.01 -5.00
C ASN A 187 10.40 13.40 -3.79
N SER A 188 11.02 12.44 -3.11
CA SER A 188 10.38 11.83 -1.96
C SER A 188 10.13 12.86 -0.86
N ARG A 189 9.09 12.61 -0.06
CA ARG A 189 8.67 13.58 0.95
C ARG A 189 9.70 13.70 2.07
N THR A 190 10.60 12.74 2.19
CA THR A 190 11.58 12.77 3.28
C THR A 190 12.45 14.02 3.20
N LYS A 191 12.87 14.40 1.99
CA LYS A 191 13.63 15.64 1.82
C LYS A 191 12.72 16.85 1.92
N ALA A 192 11.45 16.70 1.53
CA ALA A 192 10.52 17.82 1.61
C ALA A 192 10.30 18.26 3.05
N PHE A 193 10.31 17.31 3.99
CA PHE A 193 10.18 17.67 5.40
C PHE A 193 11.45 18.36 5.90
N LEU A 194 12.61 17.96 5.39
CA LEU A 194 13.85 18.64 5.75
C LEU A 194 13.84 20.07 5.23
N LYS A 195 13.22 20.33 4.09
CA LYS A 195 13.14 21.70 3.62
C LYS A 195 12.24 22.54 4.54
N ILE A 196 11.18 21.94 5.09
CA ILE A 196 10.34 22.63 6.08
C ILE A 196 11.14 22.95 7.33
N ILE A 197 11.89 21.97 7.85
CA ILE A 197 12.64 22.24 9.07
C ILE A 197 13.71 23.28 8.81
N ALA A 198 14.30 23.27 7.61
CA ALA A 198 15.27 24.29 7.24
C ALA A 198 14.65 25.68 7.26
N VAL A 199 13.45 25.83 6.67
CA VAL A 199 12.84 27.16 6.61
C VAL A 199 12.48 27.64 8.00
N TRP A 200 11.81 26.80 8.79
CA TRP A 200 11.37 27.25 10.11
C TRP A 200 12.55 27.34 11.08
N THR A 201 13.69 26.73 10.77
CA THR A 201 14.89 26.93 11.56
C THR A 201 15.57 28.25 11.20
N ILE A 202 15.64 28.57 9.91
CA ILE A 202 16.31 29.81 9.50
C ILE A 202 15.49 31.02 9.95
N SER A 203 14.17 30.88 10.00
CA SER A 203 13.34 31.98 10.50
C SER A 203 13.67 32.31 11.95
N VAL A 204 13.90 31.28 12.76
CA VAL A 204 14.30 31.51 14.16
C VAL A 204 15.73 32.03 14.22
N GLY A 205 16.61 31.49 13.39
CA GLY A 205 18.00 31.91 13.41
C GLY A 205 18.17 33.38 13.07
N ILE A 206 17.36 33.88 12.14
CA ILE A 206 17.44 35.29 11.77
C ILE A 206 16.91 36.17 12.90
N SER A 207 15.82 35.74 13.54
CA SER A 207 15.07 36.56 14.47
C SER A 207 15.47 36.34 15.93
N MET A 208 16.67 35.83 16.17
CA MET A 208 17.08 35.55 17.55
C MET A 208 17.17 36.79 18.45
N PRO A 209 17.80 37.90 18.04
CA PRO A 209 18.07 38.97 19.02
C PRO A 209 16.84 39.69 19.57
N ILE A 210 15.76 39.81 18.79
CA ILE A 210 14.71 40.79 19.13
C ILE A 210 14.06 40.53 20.48
N PRO A 211 13.64 39.30 20.82
CA PRO A 211 12.98 39.13 22.14
C PRO A 211 13.89 39.39 23.32
N VAL A 212 15.07 38.78 23.35
CA VAL A 212 15.93 38.90 24.54
C VAL A 212 16.44 40.32 24.69
N PHE A 213 16.87 40.96 23.60
CA PHE A 213 17.42 42.30 23.70
C PHE A 213 16.32 43.33 23.97
N GLY A 214 15.21 43.24 23.23
CA GLY A 214 14.15 44.20 23.40
C GLY A 214 13.50 44.13 24.76
N LEU A 215 13.33 42.92 25.29
CA LEU A 215 12.77 42.76 26.62
C LEU A 215 13.72 43.28 27.69
N GLN A 216 15.04 43.15 27.46
CA GLN A 216 15.99 43.69 28.41
C GLN A 216 15.96 45.22 28.43
N ASP A 217 16.03 45.85 27.25
CA ASP A 217 16.05 47.30 27.10
C ASP A 217 14.80 47.74 26.37
N ASP A 218 13.94 48.50 27.07
CA ASP A 218 12.73 48.99 26.42
C ASP A 218 13.05 49.97 25.30
N SER A 219 14.03 50.84 25.52
CA SER A 219 14.32 51.90 24.53
C SER A 219 14.78 51.32 23.20
N LYS A 220 15.33 50.11 23.21
CA LYS A 220 15.78 49.50 21.96
C LYS A 220 14.60 49.23 21.02
N VAL A 221 13.47 48.78 21.56
CA VAL A 221 12.32 48.39 20.76
C VAL A 221 11.07 49.20 21.06
N PHE A 222 11.04 49.97 22.15
CA PHE A 222 9.91 50.83 22.51
C PHE A 222 10.19 52.28 22.16
N LYS A 223 11.25 52.55 21.38
CA LYS A 223 11.80 53.89 21.26
C LYS A 223 10.79 54.88 20.69
N GLU A 224 10.84 56.12 21.19
CA GLU A 224 10.03 57.26 20.79
C GLU A 224 8.61 57.18 21.33
N GLY A 225 8.30 56.24 22.23
CA GLY A 225 6.96 56.08 22.72
C GLY A 225 6.03 55.28 21.81
N SER A 226 6.53 54.75 20.70
CA SER A 226 5.76 53.94 19.76
C SER A 226 6.57 52.70 19.41
N CYS A 227 5.87 51.58 19.25
CA CYS A 227 6.54 50.29 19.15
C CYS A 227 7.30 50.19 17.84
N LEU A 228 8.64 50.22 17.92
CA LEU A 228 9.48 50.32 16.74
C LEU A 228 10.86 49.76 17.06
N LEU A 229 11.45 49.06 16.09
CA LEU A 229 12.73 48.39 16.27
C LEU A 229 13.83 49.34 15.77
N ALA A 230 14.75 49.71 16.66
CA ALA A 230 15.52 50.95 16.50
C ALA A 230 17.03 50.78 16.60
N ASP A 231 17.56 49.57 16.36
CA ASP A 231 19.01 49.37 16.31
C ASP A 231 19.46 49.35 14.86
N ASP A 232 20.14 50.43 14.44
CA ASP A 232 20.45 50.61 13.02
C ASP A 232 21.37 49.50 12.52
N ASN A 233 22.43 49.21 13.27
CA ASN A 233 23.44 48.24 12.83
C ASN A 233 22.82 46.87 12.60
N PHE A 234 22.00 46.41 13.55
CA PHE A 234 21.34 45.13 13.40
C PHE A 234 20.25 45.19 12.35
N VAL A 235 19.48 46.29 12.32
CA VAL A 235 18.30 46.36 11.47
C VAL A 235 18.68 46.35 9.99
N LEU A 236 19.68 47.14 9.61
CA LEU A 236 19.92 47.31 8.18
C LEU A 236 20.43 46.01 7.56
N ILE A 237 21.23 45.24 8.30
CA ILE A 237 21.64 43.91 7.82
C ILE A 237 20.50 42.90 7.95
N GLY A 238 19.71 42.98 9.02
CA GLY A 238 18.65 42.00 9.22
C GLY A 238 17.57 42.08 8.18
N SER A 239 17.16 43.29 7.81
CA SER A 239 16.22 43.46 6.72
C SER A 239 16.80 42.94 5.42
N PHE A 240 18.12 43.07 5.25
CA PHE A 240 18.77 42.61 4.03
C PHE A 240 18.75 41.08 3.95
N VAL A 241 19.27 40.41 4.97
CA VAL A 241 19.40 38.95 4.92
C VAL A 241 18.03 38.30 4.89
N SER A 242 17.07 38.88 5.61
CA SER A 242 15.76 38.25 5.74
C SER A 242 14.97 38.32 4.43
N PHE A 243 15.09 39.42 3.69
CA PHE A 243 14.26 39.65 2.50
C PHE A 243 15.08 39.72 1.22
N PHE A 244 16.14 40.54 1.19
CA PHE A 244 16.88 40.74 -0.05
C PHE A 244 17.57 39.47 -0.51
N ILE A 245 18.17 38.72 0.42
CA ILE A 245 18.82 37.45 0.05
C ILE A 245 17.80 36.49 -0.54
N PRO A 246 16.63 36.26 0.05
CA PRO A 246 15.59 35.54 -0.70
C PRO A 246 15.17 36.26 -1.97
N LEU A 247 15.14 37.59 -1.97
CA LEU A 247 14.66 38.29 -3.16
C LEU A 247 15.57 38.07 -4.35
N THR A 248 16.90 38.10 -4.14
CA THR A 248 17.80 37.78 -5.24
C THR A 248 17.69 36.31 -5.61
N ILE A 249 17.48 35.43 -4.63
CA ILE A 249 17.27 34.02 -4.95
C ILE A 249 15.97 33.84 -5.74
N MET A 250 14.91 34.55 -5.34
CA MET A 250 13.70 34.52 -6.14
C MET A 250 13.93 35.18 -7.50
N VAL A 251 14.59 36.34 -7.53
CA VAL A 251 14.75 37.09 -8.77
C VAL A 251 15.70 36.40 -9.75
N ILE A 252 16.59 35.53 -9.26
CA ILE A 252 17.48 34.75 -10.11
C ILE A 252 16.90 33.38 -10.45
N THR A 253 15.93 32.90 -9.67
CA THR A 253 15.29 31.60 -10.00
C THR A 253 14.05 31.83 -10.84
N TYR A 254 13.16 32.72 -10.41
CA TYR A 254 11.88 32.93 -11.16
C TYR A 254 12.19 33.26 -12.62
N PHE A 255 13.13 34.17 -12.85
CA PHE A 255 13.47 34.61 -14.23
C PHE A 255 14.00 33.40 -14.99
N LEU A 256 14.79 32.57 -14.32
CA LEU A 256 15.36 31.39 -14.95
C LEU A 256 14.29 30.33 -15.19
N THR A 257 13.27 30.27 -14.32
CA THR A 257 12.15 29.38 -14.54
C THR A 257 11.40 29.75 -15.82
N ILE A 258 11.15 31.03 -16.03
CA ILE A 258 10.54 31.46 -17.29
C ILE A 258 11.47 31.15 -18.44
N LYS A 259 12.78 31.31 -18.25
CA LYS A 259 13.72 31.04 -19.33
C LYS A 259 13.68 29.56 -19.72
N SER A 260 13.50 28.67 -18.75
CA SER A 260 13.41 27.25 -19.05
C SER A 260 12.15 26.95 -19.87
N LEU A 261 11.02 27.57 -19.52
CA LEU A 261 9.81 27.41 -20.31
C LEU A 261 10.02 27.93 -21.73
N GLN A 262 10.68 29.08 -21.87
CA GLN A 262 11.00 29.57 -23.20
C GLN A 262 11.99 28.64 -23.91
N LYS A 263 13.05 28.24 -23.22
CA LYS A 263 14.03 27.31 -23.76
C LYS A 263 14.72 27.88 -24.99
N ILE A 315 3.90 24.13 -26.30
CA ILE A 315 4.07 25.57 -26.49
C ILE A 315 3.04 26.34 -25.68
N SER A 316 1.76 26.11 -25.98
CA SER A 316 0.70 26.82 -25.26
C SER A 316 0.67 26.42 -23.79
N ASN A 317 0.96 25.15 -23.50
CA ASN A 317 1.03 24.73 -22.10
C ASN A 317 2.17 25.43 -21.36
N GLU A 318 3.33 25.56 -22.01
CA GLU A 318 4.47 26.18 -21.35
C GLU A 318 4.29 27.68 -21.19
N GLN A 319 3.85 28.37 -22.25
CA GLN A 319 3.81 29.83 -22.22
C GLN A 319 2.75 30.33 -21.25
N LYS A 320 1.68 29.56 -21.05
CA LYS A 320 0.65 29.96 -20.09
C LYS A 320 1.22 30.04 -18.68
N ALA A 321 2.17 29.17 -18.36
CA ALA A 321 2.80 29.21 -17.04
C ALA A 321 3.68 30.45 -16.88
N CYS A 322 4.26 30.94 -17.98
CA CYS A 322 5.14 32.10 -17.91
C CYS A 322 4.40 33.33 -17.41
N LYS A 323 3.19 33.57 -17.93
CA LYS A 323 2.43 34.75 -17.53
C LYS A 323 1.91 34.60 -16.10
N VAL A 324 1.43 33.41 -15.75
CA VAL A 324 0.91 33.19 -14.39
C VAL A 324 2.03 33.27 -13.38
N LEU A 325 3.23 32.80 -13.75
CA LEU A 325 4.38 32.99 -12.87
C LEU A 325 4.76 34.47 -12.79
N GLY A 326 4.65 35.18 -13.91
CA GLY A 326 5.02 36.58 -13.93
C GLY A 326 4.15 37.44 -13.04
N ILE A 327 2.84 37.22 -13.07
CA ILE A 327 1.96 38.04 -12.24
C ILE A 327 2.21 37.78 -10.76
N VAL A 328 2.45 36.52 -10.40
CA VAL A 328 2.70 36.18 -9.00
C VAL A 328 4.01 36.81 -8.53
N PHE A 329 5.04 36.79 -9.38
CA PHE A 329 6.29 37.45 -9.02
C PHE A 329 6.09 38.96 -8.90
N PHE A 330 5.34 39.55 -9.83
CA PHE A 330 5.19 41.00 -9.86
C PHE A 330 4.43 41.51 -8.64
N LEU A 331 3.36 40.81 -8.24
CA LEU A 331 2.59 41.27 -7.08
C LEU A 331 3.43 41.25 -5.81
N PHE A 332 4.06 40.12 -5.51
CA PHE A 332 4.74 40.00 -4.22
C PHE A 332 5.96 40.92 -4.14
N VAL A 333 6.66 41.12 -5.26
CA VAL A 333 7.74 42.09 -5.28
C VAL A 333 7.20 43.50 -5.04
N VAL A 334 6.13 43.85 -5.75
CA VAL A 334 5.59 45.22 -5.65
C VAL A 334 4.99 45.45 -4.26
N MET A 335 4.48 44.40 -3.61
CA MET A 335 3.81 44.58 -2.33
C MET A 335 4.77 44.44 -1.16
N TRP A 336 5.80 43.59 -1.29
CA TRP A 336 6.78 43.46 -0.21
C TRP A 336 7.82 44.58 -0.24
N CYS A 337 8.47 44.78 -1.38
CA CYS A 337 9.64 45.64 -1.52
C CYS A 337 9.47 47.08 -1.02
N PRO A 338 8.34 47.76 -1.26
CA PRO A 338 8.25 49.17 -0.83
C PRO A 338 8.49 49.40 0.64
N PHE A 339 8.05 48.48 1.51
CA PHE A 339 8.28 48.64 2.94
C PHE A 339 9.79 48.62 3.24
N PHE A 340 10.51 47.68 2.64
CA PHE A 340 11.90 47.47 3.00
C PHE A 340 12.80 48.59 2.48
N ILE A 341 12.54 49.09 1.27
CA ILE A 341 13.34 50.19 0.74
C ILE A 341 13.08 51.45 1.54
N THR A 342 11.84 51.66 1.99
CA THR A 342 11.56 52.83 2.81
C THR A 342 12.24 52.71 4.17
N ASN A 343 12.28 51.49 4.73
CA ASN A 343 12.94 51.30 6.02
C ASN A 343 14.43 51.57 5.88
N ILE A 344 15.06 50.97 4.86
CA ILE A 344 16.50 51.19 4.68
C ILE A 344 16.79 52.64 4.32
N MET A 345 15.92 53.26 3.52
CA MET A 345 16.09 54.68 3.22
C MET A 345 15.94 55.51 4.49
N ALA A 346 15.07 55.11 5.40
CA ALA A 346 14.87 55.86 6.63
C ALA A 346 16.10 55.81 7.52
N VAL A 347 16.68 54.62 7.70
CA VAL A 347 17.81 54.49 8.61
C VAL A 347 19.03 55.20 8.05
N ILE A 348 19.30 55.05 6.75
CA ILE A 348 20.49 55.64 6.16
C ILE A 348 20.36 57.15 6.09
N CYS A 349 19.20 57.65 5.66
CA CYS A 349 19.02 59.05 5.31
C CYS A 349 18.39 59.88 6.41
N LYS A 350 18.41 59.40 7.66
CA LYS A 350 17.71 60.08 8.75
C LYS A 350 18.20 61.52 8.91
N GLU A 351 19.49 61.76 8.67
CA GLU A 351 20.00 63.13 8.71
C GLU A 351 19.44 63.97 7.59
N SER A 352 19.29 63.39 6.40
CA SER A 352 19.00 64.14 5.18
C SER A 352 17.58 63.93 4.65
N CYS A 353 16.65 63.43 5.47
CA CYS A 353 15.28 63.18 5.04
C CYS A 353 14.30 63.76 6.05
N ASN A 354 13.06 63.92 5.61
CA ASN A 354 11.96 64.39 6.44
C ASN A 354 11.31 63.18 7.12
N GLU A 355 11.19 63.24 8.45
CA GLU A 355 10.74 62.08 9.21
C GLU A 355 9.26 61.80 9.00
N ASP A 356 8.44 62.84 8.96
CA ASP A 356 6.99 62.66 8.97
C ASP A 356 6.48 61.93 7.73
N VAL A 357 7.00 62.31 6.55
CA VAL A 357 6.57 61.66 5.32
C VAL A 357 6.98 60.20 5.33
N ILE A 358 8.21 59.93 5.80
CA ILE A 358 8.68 58.54 5.89
C ILE A 358 7.80 57.75 6.83
N GLY A 359 7.39 58.36 7.94
CA GLY A 359 6.52 57.66 8.88
C GLY A 359 5.16 57.31 8.28
N ALA A 360 4.56 58.27 7.57
CA ALA A 360 3.28 57.97 6.91
C ALA A 360 3.43 56.88 5.87
N LEU A 361 4.50 56.95 5.07
CA LEU A 361 4.74 55.93 4.05
C LEU A 361 4.89 54.56 4.68
N LEU A 362 5.65 54.46 5.78
CA LEU A 362 5.79 53.18 6.46
C LEU A 362 4.46 52.70 7.01
N ASN A 363 3.65 53.62 7.54
CA ASN A 363 2.36 53.25 8.11
C ASN A 363 1.45 52.60 7.07
N VAL A 364 1.49 53.11 5.83
CA VAL A 364 0.64 52.52 4.80
C VAL A 364 1.30 51.27 4.19
N PHE A 365 2.63 51.27 4.09
CA PHE A 365 3.30 50.17 3.41
C PHE A 365 3.26 48.91 4.25
N VAL A 366 3.20 49.05 5.57
CA VAL A 366 3.02 47.86 6.41
C VAL A 366 1.66 47.22 6.12
N TRP A 367 0.62 48.05 5.89
CA TRP A 367 -0.67 47.50 5.53
C TRP A 367 -0.59 46.75 4.21
N ILE A 368 0.11 47.31 3.23
CA ILE A 368 0.21 46.64 1.94
C ILE A 368 0.95 45.31 2.07
N GLY A 369 2.04 45.30 2.84
CA GLY A 369 2.74 44.05 3.09
C GLY A 369 1.87 43.02 3.78
N TYR A 370 1.00 43.47 4.69
CA TYR A 370 0.02 42.58 5.30
C TYR A 370 -0.97 42.04 4.28
N LEU A 371 -1.40 42.89 3.34
CA LEU A 371 -2.27 42.43 2.26
C LEU A 371 -1.60 41.33 1.45
N SER A 372 -0.26 41.36 1.38
CA SER A 372 0.47 40.28 0.72
C SER A 372 0.12 38.91 1.30
N SER A 373 -0.15 38.86 2.61
CA SER A 373 -0.58 37.59 3.21
C SER A 373 -1.92 37.12 2.67
N ALA A 374 -2.89 38.04 2.55
CA ALA A 374 -4.21 37.67 2.05
C ALA A 374 -4.17 37.30 0.56
N VAL A 375 -3.16 37.81 -0.15
CA VAL A 375 -3.13 37.64 -1.61
C VAL A 375 -3.07 36.16 -2.00
N ASN A 376 -2.21 35.39 -1.33
CA ASN A 376 -1.87 34.06 -1.83
C ASN A 376 -3.05 33.08 -1.86
N PRO A 377 -3.91 32.99 -0.84
CA PRO A 377 -5.06 32.07 -0.94
C PRO A 377 -5.97 32.32 -2.12
N LEU A 378 -6.15 33.58 -2.52
CA LEU A 378 -6.99 33.85 -3.69
C LEU A 378 -6.31 33.39 -4.97
N VAL A 379 -4.98 33.52 -5.03
CA VAL A 379 -4.22 32.97 -6.14
C VAL A 379 -4.41 31.47 -6.21
N TYR A 380 -4.41 30.82 -5.04
CA TYR A 380 -4.68 29.38 -4.98
C TYR A 380 -6.07 29.05 -5.48
N THR A 381 -7.06 29.86 -5.10
CA THR A 381 -8.42 29.63 -5.55
C THR A 381 -8.52 29.71 -7.06
N LEU A 382 -7.84 30.69 -7.66
CA LEU A 382 -8.06 30.97 -9.07
C LEU A 382 -7.52 29.87 -9.97
N PHE A 383 -6.28 29.45 -9.78
CA PHE A 383 -5.67 28.54 -10.78
C PHE A 383 -5.95 27.05 -10.52
N ASN A 384 -6.34 26.65 -9.31
CA ASN A 384 -6.49 25.23 -8.99
C ASN A 384 -7.97 24.90 -8.87
N LYS A 385 -8.36 23.74 -9.40
CA LYS A 385 -9.75 23.35 -9.40
C LYS A 385 -10.24 22.97 -8.01
N THR A 386 -9.45 22.17 -7.29
CA THR A 386 -9.96 21.55 -6.06
C THR A 386 -10.05 22.55 -4.92
N TYR A 387 -9.08 23.47 -4.81
CA TYR A 387 -9.20 24.52 -3.80
C TYR A 387 -10.43 25.39 -4.05
N ARG A 388 -10.73 25.66 -5.32
CA ARG A 388 -11.92 26.44 -5.64
C ARG A 388 -13.18 25.72 -5.18
N SER A 389 -13.28 24.41 -5.42
CA SER A 389 -14.43 23.66 -4.98
C SER A 389 -14.53 23.61 -3.46
N ALA A 390 -13.39 23.41 -2.78
CA ALA A 390 -13.39 23.36 -1.33
C ALA A 390 -13.85 24.67 -0.73
N PHE A 391 -13.38 25.80 -1.27
CA PHE A 391 -13.80 27.09 -0.73
C PHE A 391 -15.25 27.40 -1.09
N SER A 392 -15.70 26.96 -2.25
CA SER A 392 -17.10 27.15 -2.60
C SER A 392 -18.01 26.39 -1.65
N ARG A 393 -17.63 25.17 -1.27
CA ARG A 393 -18.40 24.42 -0.28
C ARG A 393 -18.31 25.09 1.09
N TYR A 394 -17.10 25.48 1.50
CA TYR A 394 -16.88 26.10 2.81
C TYR A 394 -15.87 27.22 2.69
N THR B 4 -0.07 -4.46 29.98
CA THR B 4 -0.19 -3.59 28.80
C THR B 4 0.29 -4.30 27.55
N VAL B 5 1.61 -4.45 27.44
CA VAL B 5 2.26 -5.11 26.30
C VAL B 5 3.25 -6.12 26.84
N SER B 6 3.09 -7.38 26.43
CA SER B 6 4.02 -8.41 26.85
C SER B 6 5.36 -8.25 26.12
N ALA B 7 6.38 -8.93 26.64
CA ALA B 7 7.70 -8.84 26.04
C ALA B 7 7.70 -9.40 24.63
N GLU B 8 6.97 -10.50 24.42
CA GLU B 8 6.94 -11.13 23.08
C GLU B 8 6.19 -10.22 22.10
N ASP B 9 5.13 -9.53 22.57
CA ASP B 9 4.43 -8.59 21.71
C ASP B 9 5.29 -7.37 21.39
N LYS B 10 6.11 -6.95 22.36
CA LYS B 10 7.05 -5.86 22.10
C LYS B 10 8.07 -6.26 21.04
N ALA B 11 8.59 -7.48 21.13
CA ALA B 11 9.52 -7.96 20.11
C ALA B 11 8.83 -8.09 18.75
N ALA B 12 7.56 -8.47 18.75
CA ALA B 12 6.79 -8.50 17.50
C ALA B 12 6.66 -7.10 16.91
N ALA B 13 6.44 -6.10 17.75
CA ALA B 13 6.39 -4.72 17.26
C ALA B 13 7.73 -4.30 16.69
N GLU B 14 8.84 -4.71 17.32
CA GLU B 14 10.16 -4.42 16.76
C GLU B 14 10.32 -5.08 15.39
N ARG B 15 9.88 -6.33 15.25
CA ARG B 15 9.94 -6.99 13.96
C ARG B 15 9.11 -6.25 12.92
N SER B 16 7.92 -5.79 13.31
CA SER B 16 7.09 -5.03 12.39
C SER B 16 7.77 -3.75 11.97
N LYS B 17 8.46 -3.07 12.89
CA LYS B 17 9.17 -1.84 12.54
C LYS B 17 10.32 -2.12 11.57
N MET B 18 11.06 -3.21 11.79
CA MET B 18 12.11 -3.57 10.85
C MET B 18 11.55 -3.88 9.48
N ILE B 19 10.41 -4.59 9.43
CA ILE B 19 9.76 -4.87 8.16
C ILE B 19 9.32 -3.57 7.49
N ASP B 20 8.81 -2.62 8.28
CA ASP B 20 8.41 -1.33 7.73
C ASP B 20 9.59 -0.62 7.10
N LYS B 21 10.74 -0.62 7.76
CA LYS B 21 11.92 0.04 7.21
C LYS B 21 12.36 -0.64 5.92
N ASN B 22 12.31 -1.98 5.88
CA ASN B 22 12.70 -2.68 4.65
C ASN B 22 11.74 -2.37 3.51
N LEU B 23 10.44 -2.32 3.80
CA LEU B 23 9.45 -1.98 2.78
C LEU B 23 9.67 -0.57 2.25
N ARG B 24 9.94 0.37 3.15
CA ARG B 24 10.15 1.75 2.71
C ARG B 24 11.42 1.88 1.87
N GLU B 25 12.49 1.18 2.26
CA GLU B 25 13.70 1.22 1.45
C GLU B 25 13.47 0.63 0.08
N ASP B 26 12.75 -0.50 -0.01
CA ASP B 26 12.46 -1.09 -1.31
C ASP B 26 11.59 -0.18 -2.16
N GLY B 27 10.62 0.50 -1.54
CA GLY B 27 9.81 1.44 -2.29
C GLY B 27 10.60 2.62 -2.81
N GLU B 28 11.52 3.14 -1.98
CA GLU B 28 12.38 4.23 -2.44
C GLU B 28 13.25 3.78 -3.60
N LYS B 29 13.75 2.54 -3.55
CA LYS B 29 14.50 2.01 -4.68
C LYS B 29 13.61 1.89 -5.92
N ALA B 30 12.35 1.50 -5.75
CA ALA B 30 11.46 1.31 -6.88
C ALA B 30 11.06 2.65 -7.50
N ARG B 31 11.04 3.72 -6.70
CA ARG B 31 10.58 5.01 -7.20
C ARG B 31 11.53 5.58 -8.26
N ARG B 32 12.79 5.13 -8.27
CA ARG B 32 13.74 5.66 -9.24
C ARG B 32 13.36 5.31 -10.67
N THR B 33 12.93 4.07 -10.89
CA THR B 33 12.68 3.61 -12.25
C THR B 33 11.34 4.11 -12.76
N LEU B 34 11.33 4.55 -14.02
CA LEU B 34 10.12 4.93 -14.73
C LEU B 34 9.68 3.75 -15.59
N ARG B 35 8.39 3.43 -15.54
CA ARG B 35 7.87 2.20 -16.11
C ARG B 35 6.96 2.50 -17.30
N LEU B 36 7.25 1.87 -18.43
CA LEU B 36 6.56 2.10 -19.69
C LEU B 36 5.85 0.82 -20.12
N LEU B 37 4.70 0.98 -20.76
CA LEU B 37 3.93 -0.14 -21.30
C LEU B 37 4.04 -0.13 -22.82
N LEU B 38 4.66 -1.17 -23.37
CA LEU B 38 4.79 -1.34 -24.82
C LEU B 38 3.67 -2.24 -25.30
N LEU B 39 2.87 -1.76 -26.25
CA LEU B 39 1.82 -2.56 -26.86
C LEU B 39 1.76 -2.28 -28.35
N GLY B 40 1.70 -3.35 -29.14
CA GLY B 40 1.44 -3.30 -30.56
C GLY B 40 0.80 -4.61 -30.98
N ALA B 41 -0.36 -4.54 -31.66
CA ALA B 41 -1.16 -5.74 -31.88
C ALA B 41 -0.41 -6.79 -32.68
N ASP B 42 0.11 -6.41 -33.84
CA ASP B 42 0.93 -7.30 -34.65
C ASP B 42 1.60 -6.48 -35.74
N ASN B 43 2.57 -7.12 -36.41
CA ASN B 43 3.41 -6.57 -37.49
C ASN B 43 3.91 -5.17 -37.16
N SER B 44 4.23 -4.87 -35.90
CA SER B 44 4.57 -3.52 -35.49
C SER B 44 6.07 -3.33 -35.34
N GLY B 45 6.80 -4.42 -35.10
CA GLY B 45 8.21 -4.30 -34.77
C GLY B 45 8.48 -3.89 -33.35
N LYS B 46 7.59 -4.28 -32.42
CA LYS B 46 7.71 -3.85 -31.03
C LYS B 46 9.02 -4.34 -30.42
N SER B 47 9.50 -5.50 -30.84
CA SER B 47 10.80 -5.98 -30.37
C SER B 47 11.93 -5.13 -30.94
N THR B 48 11.69 -4.43 -32.05
CA THR B 48 12.76 -3.74 -32.76
C THR B 48 12.78 -2.24 -32.45
N ILE B 49 11.70 -1.69 -31.88
CA ILE B 49 11.62 -0.25 -31.68
C ILE B 49 12.74 0.23 -30.74
N VAL B 50 13.08 -0.56 -29.72
CA VAL B 50 14.13 -0.22 -28.77
C VAL B 50 15.15 -1.35 -28.82
N LYS B 51 16.42 -0.99 -29.04
CA LYS B 51 17.51 -1.93 -29.24
C LYS B 51 18.53 -1.92 -28.11
N GLN B 52 18.37 -1.06 -27.11
CA GLN B 52 19.36 -0.97 -26.04
C GLN B 52 19.42 -2.26 -25.24
N MET B 53 18.27 -2.86 -24.95
CA MET B 53 18.17 -4.09 -24.16
C MET B 53 17.50 -5.16 -25.00
N ARG B 54 18.07 -6.36 -25.00
CA ARG B 54 17.52 -7.48 -25.75
C ARG B 54 18.05 -8.80 -25.22
N GLY B 68 4.62 -15.00 -19.14
CA GLY B 68 3.39 -14.32 -19.52
C GLY B 68 3.62 -12.86 -19.89
N ILE B 69 4.54 -12.21 -19.18
CA ILE B 69 4.90 -10.82 -19.40
C ILE B 69 6.41 -10.74 -19.60
N PHE B 70 6.82 -10.07 -20.67
CA PHE B 70 8.22 -9.87 -21.01
C PHE B 70 8.64 -8.47 -20.58
N GLU B 71 9.66 -8.38 -19.75
CA GLU B 71 10.16 -7.12 -19.20
C GLU B 71 11.52 -6.82 -19.79
N THR B 72 11.67 -5.62 -20.36
CA THR B 72 12.92 -5.15 -20.93
C THR B 72 13.34 -3.88 -20.20
N LYS B 73 14.57 -3.87 -19.71
CA LYS B 73 15.12 -2.75 -18.95
C LYS B 73 16.27 -2.14 -19.74
N PHE B 74 16.16 -0.85 -20.06
CA PHE B 74 17.21 -0.10 -20.72
C PHE B 74 17.35 1.27 -20.06
N GLN B 75 18.57 1.78 -20.05
CA GLN B 75 18.90 3.05 -19.42
C GLN B 75 19.61 3.95 -20.41
N VAL B 76 19.16 5.19 -20.51
CA VAL B 76 19.74 6.20 -21.38
C VAL B 76 19.92 7.49 -20.58
N ASP B 77 21.12 8.07 -20.65
CA ASP B 77 21.41 9.33 -19.97
C ASP B 77 21.22 9.22 -18.47
N LYS B 78 21.69 8.11 -17.89
CA LYS B 78 21.71 7.86 -16.45
C LYS B 78 20.32 7.70 -15.85
N VAL B 79 19.29 7.46 -16.65
CA VAL B 79 17.94 7.19 -16.18
C VAL B 79 17.52 5.84 -16.73
N ASN B 80 17.05 4.95 -15.86
CA ASN B 80 16.70 3.58 -16.21
C ASN B 80 15.20 3.46 -16.38
N PHE B 81 14.78 2.87 -17.51
CA PHE B 81 13.37 2.63 -17.81
C PHE B 81 13.12 1.13 -17.88
N HIS B 82 11.93 0.71 -17.46
CA HIS B 82 11.47 -0.66 -17.57
C HIS B 82 10.29 -0.72 -18.52
N MET B 83 10.38 -1.57 -19.54
CA MET B 83 9.38 -1.70 -20.58
C MET B 83 8.73 -3.08 -20.49
N PHE B 84 7.39 -3.08 -20.42
CA PHE B 84 6.60 -4.31 -20.28
C PHE B 84 5.96 -4.66 -21.61
N ASP B 85 6.19 -5.89 -22.07
CA ASP B 85 5.58 -6.42 -23.28
C ASP B 85 4.86 -7.71 -22.93
N VAL B 86 3.55 -7.75 -23.19
CA VAL B 86 2.71 -8.90 -22.87
C VAL B 86 2.24 -9.50 -24.20
N GLY B 87 2.45 -10.81 -24.35
CA GLY B 87 2.12 -11.46 -25.61
C GLY B 87 0.89 -12.36 -25.51
N GLY B 88 0.66 -12.94 -24.33
CA GLY B 88 -0.37 -13.96 -24.20
C GLY B 88 -1.79 -13.43 -24.41
N GLN B 89 -2.04 -12.19 -23.99
CA GLN B 89 -3.40 -11.68 -23.92
C GLN B 89 -4.00 -11.52 -25.32
N ARG B 90 -5.33 -11.67 -25.39
CA ARG B 90 -6.06 -11.64 -26.64
C ARG B 90 -6.47 -10.20 -26.98
N ASP B 91 -7.38 -10.09 -27.96
CA ASP B 91 -7.83 -8.78 -28.40
C ASP B 91 -8.51 -8.00 -27.27
N GLU B 92 -9.33 -8.69 -26.48
CA GLU B 92 -10.00 -8.07 -25.34
C GLU B 92 -8.96 -7.88 -24.23
N ARG B 93 -8.49 -6.66 -24.06
CA ARG B 93 -7.42 -6.33 -23.12
C ARG B 93 -7.92 -5.50 -21.93
N ARG B 94 -9.24 -5.42 -21.72
CA ARG B 94 -9.78 -4.47 -20.76
C ARG B 94 -9.37 -4.82 -19.32
N LYS B 95 -9.25 -6.10 -19.01
CA LYS B 95 -9.13 -6.51 -17.61
C LYS B 95 -7.69 -6.46 -17.12
N TRP B 96 -6.72 -6.70 -17.99
CA TRP B 96 -5.32 -6.71 -17.57
C TRP B 96 -4.68 -5.34 -17.74
N ILE B 97 -5.26 -4.49 -18.58
CA ILE B 97 -4.67 -3.16 -18.81
C ILE B 97 -4.83 -2.27 -17.58
N GLN B 98 -5.88 -2.50 -16.78
CA GLN B 98 -6.10 -1.66 -15.61
C GLN B 98 -4.97 -1.78 -14.60
N CYS B 99 -4.22 -2.88 -14.64
CA CYS B 99 -3.04 -2.99 -13.79
C CYS B 99 -2.00 -1.92 -14.16
N PHE B 100 -1.87 -1.63 -15.45
CA PHE B 100 -0.89 -0.66 -15.94
C PHE B 100 -1.54 0.73 -16.07
N ASN B 101 -2.16 1.18 -14.97
CA ASN B 101 -2.78 2.49 -14.91
C ASN B 101 -1.91 3.53 -14.21
N ASP B 102 -0.68 3.18 -13.85
CA ASP B 102 0.27 4.11 -13.22
C ASP B 102 1.53 4.31 -14.05
N VAL B 103 1.64 3.66 -15.21
CA VAL B 103 2.84 3.80 -16.03
C VAL B 103 2.99 5.24 -16.49
N THR B 104 4.25 5.69 -16.63
CA THR B 104 4.50 7.06 -17.05
C THR B 104 4.02 7.30 -18.48
N ALA B 105 4.19 6.31 -19.37
CA ALA B 105 3.83 6.45 -20.77
C ALA B 105 3.59 5.08 -21.38
N ILE B 106 2.69 5.04 -22.36
CA ILE B 106 2.37 3.83 -23.11
C ILE B 106 2.94 4.00 -24.51
N ILE B 107 3.88 3.13 -24.87
CA ILE B 107 4.52 3.19 -26.18
C ILE B 107 3.68 2.39 -27.17
N PHE B 108 2.99 3.09 -28.06
CA PHE B 108 2.17 2.48 -29.10
C PHE B 108 2.98 2.43 -30.38
N VAL B 109 2.96 1.27 -31.05
CA VAL B 109 3.69 1.06 -32.30
C VAL B 109 2.69 0.61 -33.36
N VAL B 110 2.74 1.24 -34.53
CA VAL B 110 1.93 0.86 -35.68
C VAL B 110 2.85 0.76 -36.90
N ASP B 111 2.40 -0.02 -37.88
CA ASP B 111 3.10 -0.18 -39.15
C ASP B 111 2.35 0.61 -40.22
N SER B 112 2.97 1.70 -40.69
CA SER B 112 2.30 2.53 -41.69
C SER B 112 2.26 1.86 -43.05
N SER B 113 3.10 0.84 -43.26
CA SER B 113 3.16 0.19 -44.56
C SER B 113 1.85 -0.49 -44.93
N ASP B 114 1.24 -1.18 -43.98
CA ASP B 114 0.02 -1.95 -44.22
C ASP B 114 -1.19 -1.03 -44.05
N TYR B 115 -1.82 -0.67 -45.17
CA TYR B 115 -2.95 0.25 -45.12
C TYR B 115 -4.23 -0.47 -44.71
N ASN B 116 -4.35 -1.75 -45.07
CA ASN B 116 -5.56 -2.50 -44.70
C ASN B 116 -5.69 -2.62 -43.19
N ARG B 117 -4.58 -2.88 -42.50
CA ARG B 117 -4.61 -3.03 -41.04
C ARG B 117 -4.52 -1.68 -40.33
N LEU B 118 -4.28 -0.59 -41.07
CA LEU B 118 -4.09 0.69 -40.41
C LEU B 118 -5.39 1.17 -39.76
N GLN B 119 -6.54 0.87 -40.36
CA GLN B 119 -7.80 1.25 -39.72
C GLN B 119 -8.00 0.49 -38.42
N GLU B 120 -7.62 -0.79 -38.40
CA GLU B 120 -7.66 -1.55 -37.16
C GLU B 120 -6.72 -0.95 -36.12
N ALA B 121 -5.54 -0.51 -36.55
CA ALA B 121 -4.61 0.15 -35.65
C ALA B 121 -5.20 1.44 -35.09
N LEU B 122 -5.89 2.21 -35.94
CA LEU B 122 -6.54 3.44 -35.48
C LEU B 122 -7.64 3.14 -34.47
N ASN B 123 -8.42 2.08 -34.71
CA ASN B 123 -9.45 1.70 -33.75
C ASN B 123 -8.84 1.26 -32.43
N ASP B 124 -7.73 0.50 -32.48
CA ASP B 124 -7.05 0.09 -31.27
C ASP B 124 -6.51 1.30 -30.51
N PHE B 125 -5.93 2.26 -31.23
CA PHE B 125 -5.44 3.47 -30.59
C PHE B 125 -6.59 4.26 -29.95
N LYS B 126 -7.73 4.34 -30.63
CA LYS B 126 -8.87 5.03 -30.05
C LYS B 126 -9.34 4.35 -28.77
N SER B 127 -9.39 3.02 -28.79
CA SER B 127 -9.83 2.28 -27.60
C SER B 127 -8.87 2.51 -26.43
N ILE B 128 -7.56 2.43 -26.69
CA ILE B 128 -6.58 2.59 -25.61
C ILE B 128 -6.54 4.03 -25.12
N TRP B 129 -6.62 4.99 -26.04
CA TRP B 129 -6.58 6.40 -25.67
C TRP B 129 -7.80 6.77 -24.83
N ASN B 130 -8.98 6.27 -25.21
CA ASN B 130 -10.22 6.60 -24.53
C ASN B 130 -10.55 5.67 -23.37
N ASN B 131 -9.64 4.76 -23.01
CA ASN B 131 -9.88 3.87 -21.89
C ASN B 131 -10.02 4.68 -20.60
N ARG B 132 -11.01 4.31 -19.78
CA ARG B 132 -11.30 5.07 -18.58
C ARG B 132 -10.14 5.03 -17.60
N TRP B 133 -9.53 3.85 -17.42
CA TRP B 133 -8.44 3.73 -16.46
C TRP B 133 -7.18 4.43 -16.95
N LEU B 134 -6.96 4.45 -18.26
CA LEU B 134 -5.75 5.03 -18.85
C LEU B 134 -5.96 6.45 -19.36
N ARG B 135 -6.83 7.23 -18.71
CA ARG B 135 -7.04 8.60 -19.16
C ARG B 135 -5.82 9.49 -18.85
N THR B 136 -5.15 9.22 -17.72
CA THR B 136 -4.09 10.12 -17.27
C THR B 136 -2.81 9.93 -18.07
N ILE B 137 -2.52 8.69 -18.49
CA ILE B 137 -1.19 8.38 -19.02
C ILE B 137 -1.10 8.85 -20.47
N SER B 138 0.09 9.36 -20.80
CA SER B 138 0.33 9.83 -22.18
C SER B 138 0.70 8.64 -23.07
N VAL B 139 0.90 8.90 -24.36
CA VAL B 139 1.22 7.88 -25.35
C VAL B 139 2.36 8.39 -26.21
N ILE B 140 3.37 7.54 -26.44
CA ILE B 140 4.44 7.79 -27.39
C ILE B 140 4.18 6.89 -28.58
N LEU B 141 3.85 7.49 -29.72
CA LEU B 141 3.44 6.76 -30.91
C LEU B 141 4.62 6.63 -31.85
N PHE B 142 4.99 5.39 -32.18
CA PHE B 142 6.05 5.09 -33.14
C PHE B 142 5.41 4.54 -34.41
N LEU B 143 5.42 5.34 -35.47
CA LEU B 143 5.00 4.85 -36.78
C LEU B 143 6.16 4.13 -37.45
N ASN B 144 6.02 2.82 -37.61
CA ASN B 144 7.13 1.93 -37.93
C ASN B 144 7.13 1.59 -39.41
N LYS B 145 8.21 0.94 -39.85
CA LYS B 145 8.42 0.55 -41.24
C LYS B 145 8.31 1.76 -42.18
N GLN B 146 9.01 2.83 -41.79
CA GLN B 146 9.03 4.05 -42.58
C GLN B 146 9.62 3.80 -43.97
N ASP B 147 10.70 3.01 -44.04
CA ASP B 147 11.29 2.71 -45.34
C ASP B 147 10.34 1.91 -46.21
N LEU B 148 9.60 0.97 -45.61
CA LEU B 148 8.61 0.21 -46.37
C LEU B 148 7.50 1.12 -46.90
N LEU B 149 7.04 2.08 -46.07
CA LEU B 149 6.04 3.02 -46.54
C LEU B 149 6.58 3.86 -47.70
N ALA B 150 7.83 4.32 -47.59
CA ALA B 150 8.42 5.12 -48.66
C ALA B 150 8.54 4.31 -49.94
N GLU B 151 8.97 3.05 -49.83
CA GLU B 151 9.11 2.21 -51.02
C GLU B 151 7.76 1.97 -51.67
N LYS B 152 6.72 1.70 -50.87
CA LYS B 152 5.40 1.46 -51.44
C LYS B 152 4.86 2.71 -52.11
N VAL B 153 5.07 3.89 -51.50
CA VAL B 153 4.60 5.13 -52.09
C VAL B 153 5.32 5.40 -53.40
N LEU B 154 6.64 5.14 -53.43
CA LEU B 154 7.39 5.33 -54.66
C LEU B 154 6.91 4.38 -55.76
N ALA B 155 6.65 3.12 -55.41
CA ALA B 155 6.17 2.16 -56.39
C ALA B 155 4.81 2.58 -56.95
N GLY B 156 3.90 2.99 -56.07
CA GLY B 156 2.60 3.48 -56.49
C GLY B 156 1.58 2.42 -56.83
N LYS B 157 1.93 1.13 -56.74
CA LYS B 157 0.95 0.08 -56.97
C LYS B 157 -0.17 0.14 -55.94
N SER B 158 0.19 0.33 -54.68
CA SER B 158 -0.80 0.55 -53.63
C SER B 158 -1.18 2.02 -53.58
N LYS B 159 -2.49 2.28 -53.50
CA LYS B 159 -3.03 3.63 -53.45
C LYS B 159 -3.66 3.87 -52.09
N ILE B 160 -3.14 4.85 -51.35
CA ILE B 160 -3.71 5.17 -50.05
C ILE B 160 -5.11 5.75 -50.22
N GLU B 161 -5.36 6.39 -51.36
CA GLU B 161 -6.69 6.91 -51.65
C GLU B 161 -7.73 5.78 -51.66
N ASP B 162 -7.34 4.60 -52.13
CA ASP B 162 -8.26 3.47 -52.16
C ASP B 162 -8.65 3.04 -50.75
N TYR B 163 -7.66 2.84 -49.88
CA TYR B 163 -7.94 2.38 -48.52
C TYR B 163 -8.52 3.51 -47.68
N PHE B 164 -7.98 4.72 -47.83
CA PHE B 164 -8.46 5.92 -47.17
C PHE B 164 -8.95 6.93 -48.20
N PRO B 165 -10.26 7.02 -48.45
CA PRO B 165 -10.75 8.00 -49.44
C PRO B 165 -10.29 9.44 -49.22
N GLU B 166 -10.12 9.85 -47.96
CA GLU B 166 -9.80 11.25 -47.66
C GLU B 166 -8.41 11.66 -48.12
N PHE B 167 -7.55 10.71 -48.49
CA PHE B 167 -6.17 11.06 -48.85
C PHE B 167 -6.11 11.90 -50.12
N ALA B 168 -7.05 11.70 -51.03
CA ALA B 168 -7.04 12.45 -52.28
C ALA B 168 -7.21 13.94 -52.04
N ARG B 169 -8.11 14.31 -51.12
CA ARG B 169 -8.33 15.70 -50.74
C ARG B 169 -7.49 15.99 -49.50
N TYR B 170 -6.24 16.38 -49.72
CA TYR B 170 -5.33 16.66 -48.61
C TYR B 170 -4.23 17.58 -49.11
N THR B 171 -3.72 18.42 -48.20
CA THR B 171 -2.63 19.33 -48.49
C THR B 171 -1.61 19.26 -47.35
N THR B 172 -0.36 18.98 -47.71
CA THR B 172 0.69 18.91 -46.70
C THR B 172 0.87 20.30 -46.06
N PRO B 173 1.08 20.38 -44.74
CA PRO B 173 1.21 21.70 -44.12
C PRO B 173 2.50 22.39 -44.54
N GLU B 174 2.38 23.66 -44.92
CA GLU B 174 3.55 24.41 -45.35
C GLU B 174 4.52 24.65 -44.20
N ASP B 175 3.98 24.77 -42.97
CA ASP B 175 4.84 25.01 -41.82
C ASP B 175 5.81 23.85 -41.60
N ALA B 176 5.32 22.61 -41.71
CA ALA B 176 6.20 21.46 -41.55
C ALA B 176 7.15 21.37 -42.75
N THR B 177 8.39 21.00 -42.48
CA THR B 177 9.43 20.89 -43.48
C THR B 177 9.88 19.42 -43.59
N PRO B 178 9.90 18.82 -44.78
CA PRO B 178 10.46 17.48 -44.89
C PRO B 178 11.96 17.47 -44.65
N GLU B 179 12.46 16.35 -44.17
CA GLU B 179 13.90 16.19 -44.04
C GLU B 179 14.53 16.10 -45.43
N PRO B 180 15.81 16.45 -45.57
CA PRO B 180 16.43 16.42 -46.90
C PRO B 180 16.47 15.01 -47.48
N GLY B 181 16.26 14.93 -48.80
CA GLY B 181 16.27 13.66 -49.48
C GLY B 181 14.98 12.85 -49.37
N GLU B 182 13.85 13.50 -49.12
CA GLU B 182 12.56 12.85 -48.98
C GLU B 182 11.60 13.42 -50.02
N ASP B 183 10.79 12.56 -50.63
CA ASP B 183 9.94 12.98 -51.73
C ASP B 183 8.71 13.73 -51.19
N PRO B 184 8.13 14.62 -52.00
CA PRO B 184 6.99 15.41 -51.48
C PRO B 184 5.72 14.61 -51.31
N ARG B 185 5.35 13.77 -52.28
CA ARG B 185 4.17 12.93 -52.12
C ARG B 185 4.37 11.93 -50.99
N VAL B 186 5.60 11.42 -50.84
CA VAL B 186 5.90 10.52 -49.73
C VAL B 186 5.67 11.23 -48.40
N THR B 187 6.21 12.45 -48.25
CA THR B 187 6.00 13.20 -47.02
C THR B 187 4.52 13.50 -46.82
N ARG B 188 3.79 13.74 -47.90
CA ARG B 188 2.35 13.94 -47.81
C ARG B 188 1.67 12.73 -47.20
N ALA B 189 2.06 11.52 -47.65
CA ALA B 189 1.49 10.30 -47.08
C ALA B 189 1.83 10.16 -45.60
N LYS B 190 3.11 10.42 -45.24
CA LYS B 190 3.51 10.29 -43.84
C LYS B 190 2.72 11.24 -42.95
N TYR B 191 2.62 12.51 -43.37
CA TYR B 191 1.93 13.49 -42.55
C TYR B 191 0.43 13.24 -42.55
N PHE B 192 -0.11 12.64 -43.62
CA PHE B 192 -1.51 12.23 -43.59
C PHE B 192 -1.75 11.19 -42.50
N ILE B 193 -0.91 10.17 -42.44
CA ILE B 193 -1.10 9.13 -41.42
C ILE B 193 -0.93 9.72 -40.03
N ARG B 194 0.10 10.57 -39.87
CA ARG B 194 0.33 11.19 -38.57
C ARG B 194 -0.84 12.06 -38.14
N LYS B 195 -1.40 12.84 -39.07
CA LYS B 195 -2.56 13.67 -38.75
C LYS B 195 -3.77 12.81 -38.44
N GLU B 196 -3.91 11.67 -39.12
CA GLU B 196 -5.03 10.78 -38.85
C GLU B 196 -4.98 10.27 -37.41
N PHE B 197 -3.79 9.88 -36.94
CA PHE B 197 -3.67 9.47 -35.54
C PHE B 197 -3.87 10.65 -34.59
N VAL B 198 -3.28 11.80 -34.93
CA VAL B 198 -3.29 12.94 -34.01
C VAL B 198 -4.70 13.50 -33.88
N ASP B 199 -5.55 13.31 -34.90
CA ASP B 199 -6.94 13.74 -34.79
C ASP B 199 -7.66 12.97 -33.69
N ILE B 200 -7.48 11.65 -33.65
CA ILE B 200 -8.08 10.85 -32.57
C ILE B 200 -7.48 11.26 -31.24
N SER B 201 -6.18 11.54 -31.21
CA SER B 201 -5.55 11.95 -29.97
C SER B 201 -6.12 13.27 -29.45
N THR B 202 -6.36 14.23 -30.36
CA THR B 202 -6.75 15.57 -29.95
C THR B 202 -8.27 15.70 -29.83
N ALA B 203 -9.03 14.68 -30.24
CA ALA B 203 -10.49 14.78 -30.20
C ALA B 203 -11.00 14.98 -28.77
N SER B 204 -10.39 14.30 -27.79
CA SER B 204 -10.88 14.40 -26.43
C SER B 204 -10.75 15.81 -25.87
N GLY B 205 -9.56 16.41 -26.00
CA GLY B 205 -9.35 17.77 -25.55
C GLY B 205 -9.20 17.95 -24.06
N ASP B 206 -9.04 16.87 -23.29
CA ASP B 206 -8.90 16.99 -21.85
C ASP B 206 -7.62 17.73 -21.47
N GLY B 207 -6.52 17.43 -22.17
CA GLY B 207 -5.25 18.07 -21.90
C GLY B 207 -4.41 17.40 -20.83
N ARG B 208 -4.95 16.40 -20.13
CA ARG B 208 -4.17 15.71 -19.11
C ARG B 208 -3.09 14.83 -19.76
N HIS B 209 -3.34 14.34 -20.97
CA HIS B 209 -2.43 13.46 -21.67
C HIS B 209 -2.32 13.88 -23.14
N ILE B 210 -1.18 13.56 -23.74
CA ILE B 210 -0.87 13.96 -25.10
C ILE B 210 -0.23 12.78 -25.81
N CYS B 211 -0.54 12.66 -27.10
CA CYS B 211 0.10 11.69 -27.98
C CYS B 211 1.24 12.38 -28.73
N TYR B 212 2.42 11.78 -28.67
CA TYR B 212 3.62 12.32 -29.29
C TYR B 212 4.03 11.46 -30.46
N PRO B 213 3.77 11.83 -31.73
CA PRO B 213 4.14 10.94 -32.84
C PRO B 213 5.60 11.01 -33.21
N HIS B 214 6.20 9.85 -33.47
CA HIS B 214 7.56 9.73 -33.98
C HIS B 214 7.57 8.74 -35.13
N PHE B 215 8.29 9.07 -36.20
CA PHE B 215 8.42 8.20 -37.36
C PHE B 215 9.74 7.45 -37.26
N THR B 216 9.66 6.12 -37.24
CA THR B 216 10.78 5.25 -36.97
C THR B 216 10.95 4.26 -38.11
N CYS B 217 12.18 4.14 -38.61
CA CYS B 217 12.48 3.14 -39.63
C CYS B 217 12.64 1.77 -38.97
N ALA B 218 12.80 0.74 -39.82
CA ALA B 218 12.99 -0.61 -39.31
C ALA B 218 14.24 -0.69 -38.43
N VAL B 219 15.27 0.06 -38.77
CA VAL B 219 16.47 0.20 -37.96
C VAL B 219 16.72 1.69 -37.76
N ASP B 220 16.73 2.12 -36.49
CA ASP B 220 16.96 3.50 -36.11
C ASP B 220 18.00 3.52 -35.01
N THR B 221 18.90 4.51 -35.07
CA THR B 221 20.04 4.53 -34.15
C THR B 221 19.60 4.65 -32.70
N GLU B 222 18.64 5.53 -32.42
CA GLU B 222 18.24 5.82 -31.05
C GLU B 222 16.78 6.27 -31.02
N ASN B 223 15.88 5.33 -30.70
CA ASN B 223 14.54 5.66 -30.24
C ASN B 223 14.49 5.82 -28.73
N ALA B 224 15.48 5.28 -28.01
CA ALA B 224 15.54 5.46 -26.57
C ALA B 224 15.70 6.93 -26.20
N ARG B 225 16.49 7.68 -26.99
CA ARG B 225 16.61 9.11 -26.75
C ARG B 225 15.27 9.81 -26.93
N ARG B 226 14.49 9.38 -27.94
CA ARG B 226 13.17 9.95 -28.15
C ARG B 226 12.26 9.66 -26.95
N ILE B 227 12.27 8.42 -26.46
CA ILE B 227 11.49 8.07 -25.29
C ILE B 227 11.94 8.90 -24.09
N PHE B 228 13.25 9.12 -23.97
CA PHE B 228 13.78 9.84 -22.82
C PHE B 228 13.33 11.30 -22.81
N ASN B 229 13.49 12.00 -23.94
CA ASN B 229 13.11 13.41 -23.94
C ASN B 229 11.59 13.55 -23.88
N ASP B 230 10.84 12.59 -24.44
CA ASP B 230 9.40 12.63 -24.27
C ASP B 230 9.00 12.46 -22.82
N CYS B 231 9.63 11.51 -22.11
CA CYS B 231 9.33 11.32 -20.69
C CYS B 231 9.70 12.55 -19.88
N LYS B 232 10.80 13.21 -20.24
CA LYS B 232 11.09 14.50 -19.64
C LYS B 232 9.94 15.48 -19.84
N ASP B 233 9.37 15.51 -21.05
CA ASP B 233 8.25 16.41 -21.30
C ASP B 233 7.04 16.06 -20.45
N ILE B 234 6.73 14.76 -20.30
CA ILE B 234 5.54 14.39 -19.51
C ILE B 234 5.76 14.77 -18.05
N ILE B 235 6.95 14.49 -17.52
CA ILE B 235 7.22 14.81 -16.13
C ILE B 235 7.21 16.32 -15.92
N LEU B 236 7.71 17.08 -16.90
CA LEU B 236 7.68 18.54 -16.80
C LEU B 236 6.25 19.05 -16.77
N GLN B 237 5.39 18.53 -17.64
CA GLN B 237 3.99 18.96 -17.64
C GLN B 237 3.30 18.58 -16.35
N MET B 238 3.60 17.40 -15.81
CA MET B 238 3.03 17.00 -14.53
C MET B 238 3.47 17.95 -13.42
N ASN B 239 4.75 18.34 -13.42
CA ASN B 239 5.24 19.26 -12.40
C ASN B 239 4.58 20.63 -12.55
N LEU B 240 4.40 21.11 -13.79
CA LEU B 240 3.76 22.40 -13.99
C LEU B 240 2.31 22.36 -13.51
N ARG B 241 1.59 21.27 -13.76
CA ARG B 241 0.25 21.13 -13.22
C ARG B 241 0.26 21.07 -11.70
N GLU B 242 1.26 20.39 -11.12
CA GLU B 242 1.36 20.28 -9.67
C GLU B 242 1.56 21.65 -9.02
N TYR B 243 2.42 22.49 -9.61
CA TYR B 243 2.69 23.79 -9.03
C TYR B 243 1.63 24.83 -9.40
N ASN B 244 0.61 24.41 -10.14
CA ASN B 244 -0.50 25.29 -10.53
C ASN B 244 -0.05 26.41 -11.46
N LEU B 245 1.12 26.28 -12.08
CA LEU B 245 1.54 27.25 -13.09
C LEU B 245 0.65 27.15 -14.32
N VAL B 246 0.26 25.95 -14.71
CA VAL B 246 -0.63 25.71 -15.84
C VAL B 246 -1.95 25.17 -15.31
N ARG C 26 -27.06 -27.54 -33.74
CA ARG C 26 -27.36 -26.20 -33.28
C ARG C 26 -28.86 -26.02 -33.07
N GLN C 27 -29.65 -26.60 -33.97
CA GLN C 27 -31.10 -26.49 -33.86
C GLN C 27 -31.61 -27.20 -32.61
N GLU C 28 -31.02 -28.36 -32.28
CA GLU C 28 -31.45 -29.09 -31.09
C GLU C 28 -31.17 -28.31 -29.83
N ALA C 29 -30.05 -27.58 -29.79
CA ALA C 29 -29.70 -26.82 -28.60
C ALA C 29 -30.73 -25.74 -28.30
N GLU C 30 -31.26 -25.09 -29.34
CA GLU C 30 -32.25 -24.04 -29.14
C GLU C 30 -33.51 -24.59 -28.49
N GLN C 31 -33.98 -25.75 -28.93
CA GLN C 31 -35.15 -26.36 -28.32
C GLN C 31 -34.89 -26.71 -26.85
N LEU C 32 -33.72 -27.29 -26.56
CA LEU C 32 -33.39 -27.63 -25.18
C LEU C 32 -33.26 -26.38 -24.32
N LYS C 33 -32.72 -25.30 -24.88
CA LYS C 33 -32.59 -24.06 -24.13
C LYS C 33 -33.95 -23.51 -23.74
N ASN C 34 -34.92 -23.57 -24.65
CA ASN C 34 -36.27 -23.11 -24.34
C ASN C 34 -36.91 -23.97 -23.26
N GLN C 35 -36.60 -25.28 -23.27
CA GLN C 35 -37.14 -26.16 -22.23
C GLN C 35 -36.64 -25.77 -20.85
N ILE C 36 -35.36 -25.41 -20.74
CA ILE C 36 -34.80 -24.99 -19.45
C ILE C 36 -35.48 -23.72 -18.98
N ARG C 37 -35.64 -22.75 -19.87
CA ARG C 37 -36.32 -21.51 -19.50
C ARG C 37 -37.77 -21.75 -19.14
N ASP C 38 -38.46 -22.60 -19.91
CA ASP C 38 -39.84 -22.92 -19.59
C ASP C 38 -39.96 -23.67 -18.27
N ALA C 39 -39.03 -24.60 -18.02
CA ALA C 39 -39.03 -25.35 -16.77
C ALA C 39 -38.81 -24.41 -15.57
N ARG C 40 -37.90 -23.45 -15.72
CA ARG C 40 -37.64 -22.52 -14.64
C ARG C 40 -38.87 -21.65 -14.35
N LYS C 41 -39.60 -21.26 -15.38
CA LYS C 41 -40.77 -20.41 -15.19
C LYS C 41 -41.84 -21.13 -14.39
N ALA C 42 -42.00 -22.44 -14.61
CA ALA C 42 -43.00 -23.21 -13.86
C ALA C 42 -42.67 -23.24 -12.38
N CYS C 43 -41.39 -23.40 -12.03
CA CYS C 43 -41.01 -23.50 -10.63
C CYS C 43 -41.20 -22.17 -9.91
N ALA C 44 -40.96 -21.06 -10.60
CA ALA C 44 -41.00 -19.73 -9.98
C ALA C 44 -42.46 -19.33 -9.73
N ASP C 45 -43.03 -19.94 -8.70
CA ASP C 45 -44.42 -19.64 -8.34
C ASP C 45 -44.53 -18.28 -7.65
N ALA C 46 -43.60 -17.98 -6.75
CA ALA C 46 -43.64 -16.76 -5.95
C ALA C 46 -42.25 -16.14 -5.90
N THR C 47 -42.21 -14.81 -5.89
CA THR C 47 -40.94 -14.11 -5.73
C THR C 47 -40.49 -14.13 -4.28
N LEU C 48 -39.17 -14.20 -4.09
CA LEU C 48 -38.62 -14.24 -2.73
C LEU C 48 -38.95 -12.95 -1.98
N SER C 49 -39.07 -11.83 -2.70
CA SER C 49 -39.47 -10.59 -2.05
C SER C 49 -40.87 -10.72 -1.46
N GLN C 50 -41.79 -11.35 -2.18
CA GLN C 50 -43.13 -11.59 -1.65
C GLN C 50 -43.08 -12.59 -0.49
N ILE C 51 -42.22 -13.61 -0.61
CA ILE C 51 -42.09 -14.59 0.47
C ILE C 51 -41.62 -13.92 1.75
N THR C 52 -40.73 -12.96 1.63
CA THR C 52 -40.12 -12.28 2.78
C THR C 52 -40.71 -10.90 3.04
N ASN C 53 -41.98 -10.68 2.69
CA ASN C 53 -42.58 -9.36 2.89
C ASN C 53 -42.65 -9.00 4.37
N ASN C 54 -43.11 -9.93 5.21
CA ASN C 54 -43.32 -9.68 6.63
C ASN C 54 -42.19 -10.29 7.46
N ILE C 55 -41.05 -9.58 7.47
CA ILE C 55 -39.94 -9.88 8.36
C ILE C 55 -39.44 -8.54 8.89
N ASP C 56 -38.85 -8.57 10.08
CA ASP C 56 -38.38 -7.34 10.71
C ASP C 56 -37.29 -6.70 9.84
N PRO C 57 -37.43 -5.42 9.47
CA PRO C 57 -36.31 -4.74 8.79
C PRO C 57 -35.05 -4.74 9.67
N VAL C 58 -33.90 -4.85 9.01
CA VAL C 58 -32.63 -4.83 9.73
C VAL C 58 -32.40 -3.47 10.38
N GLY C 59 -32.92 -2.41 9.77
CA GLY C 59 -32.69 -1.06 10.24
C GLY C 59 -31.44 -0.47 9.62
N ARG C 60 -30.97 0.61 10.25
CA ARG C 60 -29.77 1.31 9.83
C ARG C 60 -28.59 0.77 10.64
N ILE C 61 -27.60 0.22 9.93
CA ILE C 61 -26.39 -0.32 10.54
C ILE C 61 -25.27 0.68 10.32
N GLN C 62 -24.50 0.94 11.37
CA GLN C 62 -23.36 1.85 11.31
C GLN C 62 -22.13 1.11 11.81
N MET C 63 -21.10 1.03 10.96
CA MET C 63 -19.84 0.39 11.27
C MET C 63 -18.71 1.38 11.02
N ARG C 64 -17.93 1.65 12.06
CA ARG C 64 -16.82 2.58 12.02
C ARG C 64 -15.53 1.79 11.93
N THR C 65 -14.58 2.29 11.14
CA THR C 65 -13.31 1.61 10.97
C THR C 65 -12.58 1.50 12.30
N ARG C 66 -12.31 0.26 12.71
CA ARG C 66 -11.56 -0.02 13.93
C ARG C 66 -10.05 -0.15 13.70
N ARG C 67 -9.60 -0.15 12.44
CA ARG C 67 -8.18 -0.23 12.14
C ARG C 67 -7.95 0.25 10.73
N THR C 68 -6.70 0.60 10.44
CA THR C 68 -6.26 0.91 9.09
C THR C 68 -4.82 0.43 8.97
N LEU C 69 -4.60 -0.63 8.20
CA LEU C 69 -3.32 -1.29 8.11
C LEU C 69 -2.50 -0.63 7.01
N ARG C 70 -1.38 -0.02 7.39
CA ARG C 70 -0.54 0.76 6.49
C ARG C 70 0.83 0.11 6.40
N GLY C 71 1.46 0.31 5.24
CA GLY C 71 2.73 -0.32 4.91
C GLY C 71 2.84 -0.75 3.46
N HIS C 72 1.73 -0.85 2.74
CA HIS C 72 1.73 -1.08 1.30
C HIS C 72 1.95 0.27 0.62
N LEU C 73 2.92 0.32 -0.27
CA LEU C 73 3.30 1.55 -0.95
C LEU C 73 2.70 1.67 -2.35
N ALA C 74 1.77 0.79 -2.72
CA ALA C 74 1.12 0.85 -4.01
C ALA C 74 -0.29 0.28 -3.88
N LYS C 75 -0.95 0.11 -5.01
CA LYS C 75 -2.36 -0.29 -4.99
C LYS C 75 -2.49 -1.74 -4.56
N ILE C 76 -3.50 -2.02 -3.75
CA ILE C 76 -3.76 -3.35 -3.19
C ILE C 76 -4.78 -4.04 -4.08
N TYR C 77 -4.45 -5.25 -4.52
CA TYR C 77 -5.30 -5.96 -5.48
C TYR C 77 -6.12 -7.06 -4.82
N ALA C 78 -5.58 -7.71 -3.79
CA ALA C 78 -6.23 -8.87 -3.21
C ALA C 78 -5.91 -8.97 -1.72
N MET C 79 -6.82 -9.63 -0.99
CA MET C 79 -6.63 -9.88 0.47
C MET C 79 -7.51 -11.07 0.87
N HIS C 80 -7.05 -11.92 1.79
CA HIS C 80 -7.79 -13.09 2.25
C HIS C 80 -7.62 -13.23 3.76
N TRP C 81 -8.70 -13.59 4.44
CA TRP C 81 -8.68 -13.79 5.88
C TRP C 81 -8.17 -15.17 6.23
N GLY C 82 -7.41 -15.27 7.32
CA GLY C 82 -7.08 -16.56 7.87
C GLY C 82 -8.24 -17.17 8.61
N THR C 83 -8.15 -18.49 8.84
CA THR C 83 -9.24 -19.20 9.51
C THR C 83 -9.35 -18.77 10.97
N ASP C 84 -8.24 -18.46 11.61
CA ASP C 84 -8.28 -18.05 13.02
C ASP C 84 -8.93 -16.67 13.19
N SER C 85 -9.08 -15.91 12.10
CA SER C 85 -9.69 -14.59 12.02
C SER C 85 -8.77 -13.49 12.53
N ARG C 86 -7.58 -13.82 13.03
CA ARG C 86 -6.65 -12.79 13.50
C ARG C 86 -5.74 -12.32 12.38
N LEU C 87 -5.31 -13.22 11.51
CA LEU C 87 -4.30 -12.95 10.50
C LEU C 87 -4.93 -12.84 9.11
N LEU C 88 -4.38 -11.96 8.28
CA LEU C 88 -4.76 -11.87 6.89
C LEU C 88 -3.52 -11.57 6.06
N VAL C 89 -3.59 -11.90 4.77
CA VAL C 89 -2.53 -11.65 3.80
C VAL C 89 -3.12 -10.73 2.73
N SER C 90 -2.29 -9.83 2.21
CA SER C 90 -2.71 -8.89 1.18
C SER C 90 -1.64 -8.80 0.09
N ALA C 91 -2.08 -8.54 -1.15
CA ALA C 91 -1.21 -8.43 -2.31
C ALA C 91 -1.36 -7.05 -2.90
N SER C 92 -0.27 -6.53 -3.47
CA SER C 92 -0.24 -5.16 -3.97
C SER C 92 0.68 -5.06 -5.18
N GLN C 93 0.59 -3.91 -5.86
CA GLN C 93 1.47 -3.63 -6.98
C GLN C 93 2.92 -3.43 -6.58
N ASP C 94 3.19 -3.28 -5.27
CA ASP C 94 4.56 -3.12 -4.81
C ASP C 94 5.42 -4.34 -5.12
N GLY C 95 4.79 -5.50 -5.35
CA GLY C 95 5.52 -6.72 -5.61
C GLY C 95 5.86 -7.51 -4.36
N LYS C 96 5.18 -7.26 -3.25
CA LYS C 96 5.46 -7.90 -1.98
C LYS C 96 4.16 -8.36 -1.34
N LEU C 97 4.16 -9.60 -0.86
CA LEU C 97 3.05 -10.19 -0.12
C LEU C 97 3.37 -10.11 1.36
N ILE C 98 2.52 -9.42 2.13
CA ILE C 98 2.78 -9.13 3.54
C ILE C 98 1.59 -9.61 4.35
N ILE C 99 1.86 -10.29 5.46
CA ILE C 99 0.85 -10.85 6.35
C ILE C 99 0.72 -9.95 7.57
N TRP C 100 -0.51 -9.64 7.96
CA TRP C 100 -0.79 -8.75 9.08
C TRP C 100 -1.27 -9.54 10.29
N ASP C 101 -1.02 -8.97 11.47
CA ASP C 101 -1.72 -9.34 12.69
C ASP C 101 -2.80 -8.28 12.92
N SER C 102 -4.06 -8.67 12.71
CA SER C 102 -5.14 -7.68 12.68
C SER C 102 -5.32 -6.99 14.03
N TYR C 103 -5.27 -7.75 15.12
CA TYR C 103 -5.57 -7.18 16.43
C TYR C 103 -4.54 -6.14 16.83
N THR C 104 -3.25 -6.43 16.60
CA THR C 104 -2.17 -5.55 17.00
C THR C 104 -1.59 -4.72 15.86
N THR C 105 -2.06 -4.92 14.62
CA THR C 105 -1.66 -4.19 13.41
C THR C 105 -0.26 -4.63 12.93
N ASN C 106 0.42 -5.52 13.65
CA ASN C 106 1.81 -5.85 13.32
C ASN C 106 1.88 -6.61 12.01
N LYS C 107 3.08 -6.61 11.41
CA LYS C 107 3.37 -7.33 10.18
C LYS C 107 4.08 -8.62 10.54
N VAL C 108 3.40 -9.75 10.34
CA VAL C 108 4.00 -11.04 10.67
C VAL C 108 5.11 -11.37 9.70
N HIS C 109 4.90 -11.11 8.41
CA HIS C 109 5.86 -11.48 7.38
C HIS C 109 5.81 -10.46 6.25
N ALA C 110 6.90 -10.40 5.49
CA ALA C 110 6.98 -9.65 4.25
C ALA C 110 7.67 -10.51 3.20
N ILE C 111 6.90 -10.93 2.19
CA ILE C 111 7.33 -11.91 1.21
C ILE C 111 7.60 -11.18 -0.10
N PRO C 112 8.85 -11.20 -0.64
CA PRO C 112 9.09 -10.50 -1.90
C PRO C 112 8.70 -11.33 -3.12
N LEU C 113 7.77 -10.84 -3.92
CA LEU C 113 7.32 -11.56 -5.11
C LEU C 113 8.22 -11.24 -6.30
N ARG C 114 8.48 -12.25 -7.13
CA ARG C 114 9.28 -12.05 -8.33
C ARG C 114 8.59 -11.11 -9.31
N SER C 115 7.28 -11.28 -9.49
CA SER C 115 6.48 -10.50 -10.43
C SER C 115 5.66 -9.46 -9.68
N SER C 116 5.72 -8.21 -10.14
CA SER C 116 5.04 -7.13 -9.45
C SER C 116 3.53 -7.24 -9.59
N TRP C 117 3.05 -7.84 -10.68
CA TRP C 117 1.63 -7.86 -11.00
C TRP C 117 1.00 -9.10 -10.37
N VAL C 118 0.11 -8.89 -9.41
CA VAL C 118 -0.63 -9.96 -8.75
C VAL C 118 -2.07 -9.50 -8.58
N MET C 119 -3.01 -10.31 -9.06
CA MET C 119 -4.43 -10.04 -8.93
C MET C 119 -5.13 -10.90 -7.88
N THR C 120 -4.39 -11.75 -7.16
CA THR C 120 -5.01 -12.68 -6.24
C THR C 120 -3.99 -13.14 -5.20
N CYS C 121 -4.51 -13.40 -4.00
CA CYS C 121 -3.76 -14.06 -2.94
C CYS C 121 -4.73 -14.93 -2.14
N ALA C 122 -4.18 -15.95 -1.47
CA ALA C 122 -4.99 -16.87 -0.69
C ALA C 122 -4.22 -17.35 0.53
N TYR C 123 -4.98 -17.69 1.58
CA TYR C 123 -4.44 -18.20 2.85
C TYR C 123 -4.91 -19.61 3.05
N ALA C 124 -4.02 -20.57 3.29
CA ALA C 124 -4.41 -21.95 3.44
C ALA C 124 -5.31 -22.12 4.66
N PRO C 125 -6.21 -23.11 4.65
CA PRO C 125 -7.06 -23.31 5.84
C PRO C 125 -6.26 -23.64 7.09
N SER C 126 -5.14 -24.35 6.92
CA SER C 126 -4.28 -24.71 8.09
C SER C 126 -3.34 -23.54 8.44
N GLY C 127 -3.29 -22.51 7.60
CA GLY C 127 -2.41 -21.39 7.85
C GLY C 127 -0.95 -21.66 7.59
N ASN C 128 -0.61 -22.83 7.02
CA ASN C 128 0.78 -23.17 6.79
C ASN C 128 1.31 -22.53 5.51
N TYR C 129 0.44 -22.32 4.52
CA TYR C 129 0.84 -21.84 3.20
C TYR C 129 -0.01 -20.66 2.80
N VAL C 130 0.55 -19.85 1.89
CA VAL C 130 -0.18 -18.82 1.17
C VAL C 130 0.12 -18.99 -0.32
N ALA C 131 -0.81 -18.54 -1.15
CA ALA C 131 -0.71 -18.62 -2.60
C ALA C 131 -0.83 -17.23 -3.18
N CYS C 132 -0.14 -17.00 -4.30
CA CYS C 132 -0.22 -15.75 -5.05
C CYS C 132 -0.26 -16.06 -6.53
N GLY C 133 -1.07 -15.31 -7.28
CA GLY C 133 -1.20 -15.48 -8.71
C GLY C 133 -1.18 -14.14 -9.42
N GLY C 134 -0.61 -14.10 -10.64
CA GLY C 134 -0.41 -12.86 -11.34
C GLY C 134 -0.43 -13.04 -12.85
N LEU C 135 0.04 -12.00 -13.53
CA LEU C 135 0.16 -12.03 -14.99
C LEU C 135 1.29 -12.92 -15.46
N ASP C 136 2.14 -13.43 -14.55
CA ASP C 136 3.24 -14.29 -14.95
C ASP C 136 2.78 -15.73 -15.19
N ASN C 137 1.46 -15.98 -15.16
CA ASN C 137 0.87 -17.27 -15.52
C ASN C 137 1.28 -18.38 -14.56
N ILE C 138 1.70 -18.01 -13.35
CA ILE C 138 2.19 -18.95 -12.35
C ILE C 138 1.49 -18.68 -11.03
N CYS C 139 0.99 -19.75 -10.40
CA CYS C 139 0.50 -19.69 -9.02
C CYS C 139 1.60 -20.22 -8.11
N SER C 140 2.08 -19.37 -7.20
CA SER C 140 3.24 -19.65 -6.38
C SER C 140 2.80 -19.92 -4.95
N ILE C 141 3.18 -21.08 -4.41
CA ILE C 141 2.83 -21.49 -3.07
C ILE C 141 4.05 -21.27 -2.18
N TYR C 142 3.85 -20.59 -1.06
CA TYR C 142 4.91 -20.21 -0.14
C TYR C 142 4.74 -20.96 1.17
N ASN C 143 5.85 -21.48 1.71
CA ASN C 143 5.84 -22.22 2.97
C ASN C 143 6.13 -21.25 4.11
N LEU C 144 5.08 -20.84 4.84
CA LEU C 144 5.26 -19.85 5.90
C LEU C 144 5.99 -20.45 7.09
N LYS C 145 5.55 -21.61 7.57
CA LYS C 145 6.12 -22.27 8.75
C LYS C 145 7.21 -23.22 8.29
N THR C 146 8.46 -22.81 8.49
CA THR C 146 9.62 -23.61 8.13
C THR C 146 10.65 -23.49 9.23
N ARG C 147 11.62 -24.40 9.23
CA ARG C 147 12.89 -24.10 9.85
C ARG C 147 13.61 -23.06 9.00
N GLU C 148 14.71 -22.54 9.53
CA GLU C 148 15.58 -21.43 9.10
C GLU C 148 14.85 -20.08 9.03
N GLY C 149 13.59 -19.99 9.45
CA GLY C 149 12.96 -18.70 9.71
C GLY C 149 12.85 -17.76 8.54
N ASN C 150 12.46 -18.27 7.37
CA ASN C 150 12.20 -17.42 6.22
C ASN C 150 11.07 -18.01 5.39
N VAL C 151 10.28 -17.15 4.74
CA VAL C 151 9.27 -17.61 3.82
C VAL C 151 9.93 -17.99 2.49
N ARG C 152 9.74 -19.23 2.08
CA ARG C 152 10.36 -19.77 0.87
C ARG C 152 9.28 -20.36 -0.02
N VAL C 153 9.47 -20.20 -1.32
CA VAL C 153 8.52 -20.72 -2.31
C VAL C 153 8.66 -22.24 -2.33
N SER C 154 7.57 -22.93 -1.97
CA SER C 154 7.58 -24.39 -2.01
C SER C 154 7.44 -24.90 -3.43
N ARG C 155 6.66 -24.20 -4.26
CA ARG C 155 6.43 -24.63 -5.63
C ARG C 155 6.02 -23.45 -6.50
N GLU C 156 6.14 -23.64 -7.80
CA GLU C 156 5.59 -22.75 -8.81
C GLU C 156 4.69 -23.57 -9.72
N LEU C 157 3.38 -23.32 -9.64
CA LEU C 157 2.39 -24.06 -10.41
C LEU C 157 2.21 -23.40 -11.76
N ALA C 158 2.56 -24.14 -12.82
CA ALA C 158 2.54 -23.63 -14.18
C ALA C 158 1.69 -24.53 -15.06
N GLY C 159 1.15 -23.95 -16.13
CA GLY C 159 0.29 -24.65 -17.05
C GLY C 159 -0.83 -23.81 -17.63
N HIS C 160 -1.19 -22.71 -16.99
CA HIS C 160 -2.22 -21.83 -17.53
C HIS C 160 -1.65 -20.94 -18.62
N THR C 161 -2.50 -20.64 -19.61
CA THR C 161 -2.14 -19.75 -20.71
C THR C 161 -2.73 -18.35 -20.58
N GLY C 162 -3.24 -18.00 -19.38
CA GLY C 162 -3.78 -16.68 -19.15
C GLY C 162 -3.57 -16.27 -17.70
N TYR C 163 -3.87 -15.01 -17.43
CA TYR C 163 -3.65 -14.47 -16.09
C TYR C 163 -4.57 -15.17 -15.08
N LEU C 164 -4.05 -15.37 -13.88
CA LEU C 164 -4.79 -16.05 -12.81
C LEU C 164 -5.59 -15.01 -12.04
N SER C 165 -6.92 -15.18 -12.02
CA SER C 165 -7.79 -14.20 -11.40
C SER C 165 -8.07 -14.53 -9.94
N CYS C 166 -8.13 -15.83 -9.61
CA CYS C 166 -8.40 -16.27 -8.25
C CYS C 166 -7.73 -17.60 -8.00
N CYS C 167 -7.38 -17.84 -6.74
CA CYS C 167 -6.88 -19.14 -6.28
C CYS C 167 -7.45 -19.40 -4.90
N ARG C 168 -7.88 -20.64 -4.66
CA ARG C 168 -8.47 -21.02 -3.38
C ARG C 168 -8.03 -22.43 -3.02
N PHE C 169 -7.64 -22.61 -1.76
CA PHE C 169 -7.17 -23.90 -1.25
C PHE C 169 -8.35 -24.78 -0.90
N LEU C 170 -8.38 -26.00 -1.45
CA LEU C 170 -9.26 -27.03 -0.90
C LEU C 170 -8.79 -27.47 0.47
N ASP C 171 -7.56 -27.96 0.53
CA ASP C 171 -6.90 -28.30 1.78
C ASP C 171 -5.45 -27.88 1.64
N ASP C 172 -4.58 -28.42 2.49
CA ASP C 172 -3.14 -28.05 2.43
C ASP C 172 -2.51 -28.58 1.15
N ASN C 173 -3.10 -29.61 0.53
CA ASN C 173 -2.47 -30.20 -0.64
C ASN C 173 -3.05 -29.67 -1.95
N GLN C 174 -4.37 -29.46 -2.00
CA GLN C 174 -5.07 -29.18 -3.25
C GLN C 174 -5.50 -27.72 -3.31
N ILE C 175 -5.36 -27.12 -4.49
CA ILE C 175 -5.70 -25.72 -4.73
C ILE C 175 -6.38 -25.62 -6.09
N VAL C 176 -7.45 -24.82 -6.15
CA VAL C 176 -8.16 -24.54 -7.41
C VAL C 176 -7.82 -23.13 -7.84
N THR C 177 -7.51 -22.96 -9.12
CA THR C 177 -7.14 -21.67 -9.69
C THR C 177 -7.98 -21.41 -10.94
N SER C 178 -8.63 -20.25 -10.98
CA SER C 178 -9.33 -19.75 -12.16
C SER C 178 -8.40 -18.81 -12.90
N SER C 179 -8.44 -18.87 -14.24
CA SER C 179 -7.48 -18.16 -15.07
C SER C 179 -8.20 -17.39 -16.18
N GLY C 180 -7.43 -16.53 -16.85
CA GLY C 180 -7.93 -15.80 -17.99
C GLY C 180 -7.93 -16.58 -19.28
N ASP C 181 -7.49 -17.85 -19.23
CA ASP C 181 -7.54 -18.71 -20.41
C ASP C 181 -8.86 -19.48 -20.50
N THR C 182 -9.94 -18.93 -19.92
CA THR C 182 -11.29 -19.49 -19.95
C THR C 182 -11.38 -20.89 -19.32
N THR C 183 -10.35 -21.28 -18.57
CA THR C 183 -10.26 -22.63 -18.02
C THR C 183 -9.80 -22.57 -16.57
N CYS C 184 -10.58 -23.16 -15.68
CA CYS C 184 -10.20 -23.36 -14.28
C CYS C 184 -9.50 -24.70 -14.15
N ALA C 185 -8.67 -24.84 -13.12
CA ALA C 185 -7.87 -26.04 -12.91
C ALA C 185 -7.87 -26.42 -11.44
N LEU C 186 -7.65 -27.71 -11.20
CA LEU C 186 -7.41 -28.26 -9.87
C LEU C 186 -6.03 -28.89 -9.85
N TRP C 187 -5.21 -28.47 -8.87
CA TRP C 187 -3.82 -28.89 -8.77
C TRP C 187 -3.62 -29.74 -7.52
N ASP C 188 -2.74 -30.72 -7.65
CA ASP C 188 -2.11 -31.37 -6.50
C ASP C 188 -0.77 -30.71 -6.28
N ILE C 189 -0.62 -30.02 -5.15
CA ILE C 189 0.57 -29.21 -4.94
C ILE C 189 1.82 -30.08 -4.88
N GLU C 190 1.75 -31.22 -4.19
CA GLU C 190 2.93 -32.07 -4.09
C GLU C 190 3.34 -32.60 -5.45
N THR C 191 2.37 -33.00 -6.29
CA THR C 191 2.68 -33.44 -7.64
C THR C 191 3.03 -32.27 -8.54
N GLY C 192 2.30 -31.17 -8.42
CA GLY C 192 2.53 -29.99 -9.24
C GLY C 192 1.84 -29.99 -10.59
N GLN C 193 1.03 -31.00 -10.89
CA GLN C 193 0.35 -31.13 -12.18
C GLN C 193 -1.15 -31.04 -11.96
N GLN C 194 -1.85 -30.49 -12.95
CA GLN C 194 -3.31 -30.43 -12.88
C GLN C 194 -3.89 -31.84 -12.83
N THR C 195 -4.70 -32.10 -11.80
CA THR C 195 -5.40 -33.36 -11.68
C THR C 195 -6.79 -33.33 -12.30
N THR C 196 -7.39 -32.16 -12.42
CA THR C 196 -8.67 -31.99 -13.13
C THR C 196 -8.65 -30.63 -13.79
N THR C 197 -9.48 -30.48 -14.82
CA THR C 197 -9.57 -29.24 -15.58
C THR C 197 -11.02 -29.00 -15.97
N PHE C 198 -11.46 -27.75 -15.79
CA PHE C 198 -12.85 -27.36 -15.98
C PHE C 198 -12.92 -26.39 -17.16
N THR C 199 -13.60 -26.80 -18.24
CA THR C 199 -13.66 -26.03 -19.49
C THR C 199 -15.12 -25.91 -19.94
N GLY C 200 -15.74 -24.77 -19.63
CA GLY C 200 -17.03 -24.43 -20.18
C GLY C 200 -17.25 -22.96 -20.49
N HIS C 201 -16.26 -22.11 -20.23
CA HIS C 201 -16.43 -20.65 -20.24
C HIS C 201 -15.94 -20.07 -21.55
N THR C 202 -16.60 -19.01 -22.02
CA THR C 202 -16.21 -18.37 -23.27
C THR C 202 -15.35 -17.13 -23.00
N GLY C 203 -15.58 -16.46 -21.86
CA GLY C 203 -14.80 -15.29 -21.48
C GLY C 203 -13.87 -15.61 -20.34
N ASP C 204 -12.94 -14.68 -20.11
CA ASP C 204 -11.94 -14.85 -19.05
C ASP C 204 -12.62 -15.00 -17.70
N VAL C 205 -12.10 -15.92 -16.88
CA VAL C 205 -12.70 -16.25 -15.59
C VAL C 205 -12.17 -15.24 -14.57
N MET C 206 -13.09 -14.53 -13.93
CA MET C 206 -12.71 -13.41 -13.06
C MET C 206 -12.67 -13.83 -11.59
N SER C 207 -13.52 -14.76 -11.17
CA SER C 207 -13.69 -15.08 -9.76
C SER C 207 -13.99 -16.56 -9.58
N LEU C 208 -13.73 -17.04 -8.36
CA LEU C 208 -13.97 -18.43 -7.97
C LEU C 208 -14.27 -18.47 -6.48
N SER C 209 -15.36 -19.14 -6.11
CA SER C 209 -15.83 -19.21 -4.73
C SER C 209 -16.04 -20.67 -4.34
N LEU C 210 -15.31 -21.12 -3.32
CA LEU C 210 -15.45 -22.48 -2.82
C LEU C 210 -16.65 -22.60 -1.90
N ALA C 211 -17.33 -23.75 -1.99
CA ALA C 211 -18.49 -23.99 -1.15
C ALA C 211 -18.06 -24.31 0.27
N PRO C 212 -18.96 -24.16 1.26
CA PRO C 212 -18.59 -24.54 2.63
C PRO C 212 -18.21 -26.01 2.76
N ASP C 213 -18.89 -26.90 2.03
CA ASP C 213 -18.57 -28.32 2.12
C ASP C 213 -17.30 -28.66 1.34
N THR C 214 -16.90 -27.82 0.40
CA THR C 214 -15.68 -27.89 -0.41
C THR C 214 -15.80 -28.95 -1.51
N ARG C 215 -16.92 -29.67 -1.60
CA ARG C 215 -17.04 -30.70 -2.63
C ARG C 215 -17.29 -30.09 -4.00
N LEU C 216 -17.86 -28.89 -4.05
CA LEU C 216 -18.16 -28.21 -5.30
C LEU C 216 -17.93 -26.72 -5.14
N PHE C 217 -17.87 -26.00 -6.27
CA PHE C 217 -17.59 -24.57 -6.28
C PHE C 217 -18.24 -23.91 -7.48
N VAL C 218 -18.18 -22.58 -7.50
CA VAL C 218 -18.72 -21.76 -8.57
C VAL C 218 -17.62 -20.83 -9.07
N SER C 219 -17.69 -20.48 -10.36
CA SER C 219 -16.73 -19.57 -10.98
C SER C 219 -17.48 -18.48 -11.73
N GLY C 220 -16.82 -17.34 -11.91
CA GLY C 220 -17.38 -16.21 -12.63
C GLY C 220 -16.49 -15.78 -13.78
N ALA C 221 -17.09 -15.38 -14.90
CA ALA C 221 -16.34 -15.04 -16.10
C ALA C 221 -16.97 -13.87 -16.82
N CYS C 222 -16.23 -13.33 -17.79
CA CYS C 222 -16.67 -12.14 -18.52
C CYS C 222 -17.80 -12.45 -19.50
N ASP C 223 -18.15 -13.73 -19.69
CA ASP C 223 -19.29 -14.06 -20.52
C ASP C 223 -20.62 -13.82 -19.83
N ALA C 224 -20.60 -13.30 -18.59
CA ALA C 224 -21.81 -12.97 -17.84
C ALA C 224 -22.58 -14.23 -17.49
N SER C 225 -21.86 -15.30 -17.17
CA SER C 225 -22.46 -16.56 -16.71
C SER C 225 -21.65 -17.10 -15.54
N ALA C 226 -22.35 -17.73 -14.60
CA ALA C 226 -21.74 -18.40 -13.47
C ALA C 226 -22.16 -19.87 -13.50
N LYS C 227 -21.19 -20.76 -13.29
CA LYS C 227 -21.38 -22.19 -13.47
C LYS C 227 -20.95 -22.93 -12.22
N LEU C 228 -21.70 -23.99 -11.90
CA LEU C 228 -21.45 -24.84 -10.73
C LEU C 228 -20.69 -26.08 -11.19
N TRP C 229 -19.50 -26.28 -10.64
CA TRP C 229 -18.61 -27.37 -11.02
C TRP C 229 -18.44 -28.34 -9.87
N ASP C 230 -18.58 -29.64 -10.16
CA ASP C 230 -18.20 -30.67 -9.20
C ASP C 230 -16.68 -30.84 -9.23
N VAL C 231 -16.06 -30.84 -8.05
CA VAL C 231 -14.60 -30.86 -7.99
C VAL C 231 -14.07 -32.22 -8.45
N ARG C 232 -14.67 -33.31 -7.98
CA ARG C 232 -14.16 -34.64 -8.33
C ARG C 232 -14.49 -34.99 -9.77
N GLU C 233 -15.74 -34.76 -10.19
CA GLU C 233 -16.15 -35.17 -11.52
C GLU C 233 -15.57 -34.25 -12.59
N GLY C 234 -15.52 -32.95 -12.32
CA GLY C 234 -15.03 -32.00 -13.32
C GLY C 234 -16.03 -31.70 -14.41
N MET C 235 -17.30 -31.53 -14.04
CA MET C 235 -18.38 -31.24 -14.97
C MET C 235 -19.22 -30.09 -14.45
N CYS C 236 -19.85 -29.35 -15.36
CA CYS C 236 -20.69 -28.21 -15.01
C CYS C 236 -22.08 -28.73 -14.67
N ARG C 237 -22.44 -28.68 -13.39
CA ARG C 237 -23.76 -29.13 -12.99
C ARG C 237 -24.85 -28.18 -13.47
N GLN C 238 -24.66 -26.88 -13.27
CA GLN C 238 -25.66 -25.88 -13.62
C GLN C 238 -24.96 -24.62 -14.09
N THR C 239 -25.69 -23.81 -14.86
CA THR C 239 -25.23 -22.50 -15.30
C THR C 239 -26.33 -21.49 -15.05
N PHE C 240 -25.95 -20.29 -14.59
CA PHE C 240 -26.88 -19.21 -14.29
C PHE C 240 -26.47 -17.97 -15.07
N THR C 241 -27.44 -17.39 -15.79
CA THR C 241 -27.20 -16.23 -16.63
C THR C 241 -28.29 -15.20 -16.37
N GLY C 242 -27.93 -14.12 -15.68
CA GLY C 242 -28.82 -12.99 -15.48
C GLY C 242 -28.12 -11.66 -15.49
N HIS C 243 -26.85 -11.63 -15.86
CA HIS C 243 -26.01 -10.44 -15.82
C HIS C 243 -25.81 -9.91 -17.23
N GLU C 244 -25.89 -8.59 -17.37
CA GLU C 244 -25.68 -7.98 -18.68
C GLU C 244 -24.20 -7.94 -19.05
N SER C 245 -23.33 -7.77 -18.05
CA SER C 245 -21.89 -7.61 -18.26
C SER C 245 -21.13 -8.64 -17.44
N ASP C 246 -19.80 -8.53 -17.53
CA ASP C 246 -18.89 -9.38 -16.76
C ASP C 246 -19.27 -9.39 -15.29
N ILE C 247 -18.94 -10.50 -14.60
CA ILE C 247 -19.09 -10.60 -13.16
C ILE C 247 -17.67 -10.63 -12.57
N ASN C 248 -17.42 -9.72 -11.63
CA ASN C 248 -16.06 -9.54 -11.11
C ASN C 248 -15.82 -10.40 -9.88
N ALA C 249 -16.85 -10.60 -9.05
CA ALA C 249 -16.71 -11.29 -7.78
C ALA C 249 -17.91 -12.20 -7.55
N ILE C 250 -17.68 -13.28 -6.81
CA ILE C 250 -18.67 -14.31 -6.54
C ILE C 250 -18.47 -14.80 -5.11
N CYS C 251 -19.57 -15.03 -4.39
CA CYS C 251 -19.48 -15.47 -2.97
C CYS C 251 -20.63 -16.44 -2.66
N PHE C 252 -20.31 -17.62 -2.12
CA PHE C 252 -21.34 -18.62 -1.76
C PHE C 252 -22.11 -18.15 -0.53
N PHE C 253 -23.41 -18.47 -0.46
CA PHE C 253 -24.20 -18.13 0.75
C PHE C 253 -23.78 -19.10 1.86
N PRO C 254 -23.72 -18.70 3.14
CA PRO C 254 -23.22 -19.57 4.22
C PRO C 254 -23.90 -20.92 4.28
N ASN C 255 -25.17 -20.99 3.90
CA ASN C 255 -25.89 -22.26 3.87
C ASN C 255 -25.25 -23.23 2.88
N GLY C 256 -24.66 -22.70 1.80
CA GLY C 256 -24.14 -23.52 0.73
C GLY C 256 -25.12 -23.85 -0.37
N ASN C 257 -26.38 -23.44 -0.24
CA ASN C 257 -27.41 -23.67 -1.24
C ASN C 257 -27.69 -22.45 -2.09
N ALA C 258 -26.86 -21.40 -2.02
CA ALA C 258 -27.05 -20.21 -2.82
C ALA C 258 -25.72 -19.46 -2.91
N PHE C 259 -25.67 -18.50 -3.82
CA PHE C 259 -24.50 -17.65 -3.98
C PHE C 259 -24.91 -16.34 -4.62
N ALA C 260 -24.01 -15.36 -4.58
CA ALA C 260 -24.23 -14.04 -5.13
C ALA C 260 -23.04 -13.62 -5.98
N THR C 261 -23.32 -12.77 -6.98
CA THR C 261 -22.33 -12.36 -7.97
C THR C 261 -22.34 -10.85 -8.12
N GLY C 262 -21.15 -10.27 -8.32
CA GLY C 262 -20.99 -8.84 -8.51
C GLY C 262 -20.51 -8.50 -9.91
N SER C 263 -21.22 -7.59 -10.58
CA SER C 263 -20.96 -7.27 -11.98
C SER C 263 -20.68 -5.78 -12.18
N ASP C 264 -20.08 -5.47 -13.33
CA ASP C 264 -19.90 -4.09 -13.76
C ASP C 264 -21.20 -3.44 -14.21
N ASP C 265 -22.29 -4.21 -14.32
CA ASP C 265 -23.59 -3.65 -14.62
C ASP C 265 -24.08 -2.79 -13.45
N ALA C 266 -23.49 -2.98 -12.26
CA ALA C 266 -23.84 -2.29 -11.01
C ALA C 266 -25.09 -2.91 -10.39
N THR C 267 -25.36 -4.17 -10.71
CA THR C 267 -26.40 -4.97 -10.06
C THR C 267 -25.75 -6.19 -9.43
N CYS C 268 -26.17 -6.50 -8.21
CA CYS C 268 -25.72 -7.69 -7.48
C CYS C 268 -26.87 -8.67 -7.38
N ARG C 269 -26.68 -9.88 -7.88
CA ARG C 269 -27.74 -10.85 -8.06
C ARG C 269 -27.52 -12.06 -7.16
N LEU C 270 -28.59 -12.52 -6.52
CA LEU C 270 -28.57 -13.72 -5.69
C LEU C 270 -29.09 -14.89 -6.53
N PHE C 271 -28.34 -15.98 -6.55
CA PHE C 271 -28.65 -17.16 -7.36
C PHE C 271 -28.82 -18.36 -6.44
N ASP C 272 -29.69 -19.28 -6.82
CA ASP C 272 -30.05 -20.42 -6.00
C ASP C 272 -29.62 -21.69 -6.73
N LEU C 273 -28.86 -22.54 -6.03
CA LEU C 273 -28.39 -23.78 -6.65
C LEU C 273 -29.53 -24.76 -6.89
N ARG C 274 -30.36 -24.99 -5.87
CA ARG C 274 -31.41 -26.00 -5.99
C ARG C 274 -32.53 -25.52 -6.90
N ALA C 275 -32.92 -24.25 -6.79
CA ALA C 275 -34.03 -23.75 -7.59
C ALA C 275 -33.63 -23.57 -9.05
N ASP C 276 -32.36 -23.21 -9.30
CA ASP C 276 -31.75 -23.04 -10.62
C ASP C 276 -32.21 -21.76 -11.33
N GLN C 277 -32.67 -20.78 -10.54
CA GLN C 277 -33.07 -19.47 -11.09
C GLN C 277 -32.65 -18.38 -10.11
N GLU C 278 -32.36 -17.18 -10.61
CA GLU C 278 -32.04 -16.06 -9.72
C GLU C 278 -33.27 -15.75 -8.88
N LEU C 279 -33.05 -15.59 -7.57
CA LEU C 279 -34.17 -15.28 -6.67
C LEU C 279 -34.40 -13.78 -6.60
N MET C 280 -33.33 -12.99 -6.66
CA MET C 280 -33.45 -11.56 -6.42
C MET C 280 -32.23 -10.84 -6.96
N THR C 281 -32.39 -9.56 -7.26
CA THR C 281 -31.32 -8.68 -7.73
C THR C 281 -31.29 -7.43 -6.86
N TYR C 282 -30.09 -7.01 -6.50
CA TYR C 282 -29.86 -5.84 -5.66
C TYR C 282 -29.34 -4.70 -6.55
N SER C 283 -30.14 -3.65 -6.70
CA SER C 283 -29.77 -2.53 -7.55
C SER C 283 -30.41 -1.26 -7.01
N HIS C 284 -29.69 -0.16 -7.16
CA HIS C 284 -30.16 1.17 -6.78
C HIS C 284 -29.92 2.13 -7.94
N ASP C 285 -30.89 3.01 -8.20
CA ASP C 285 -30.77 3.93 -9.32
C ASP C 285 -29.61 4.90 -9.12
N ASN C 286 -29.23 5.17 -7.87
CA ASN C 286 -28.15 6.11 -7.61
C ASN C 286 -26.81 5.59 -8.15
N ILE C 287 -26.55 4.30 -8.01
CA ILE C 287 -25.25 3.73 -8.33
C ILE C 287 -25.35 3.06 -9.70
N ILE C 288 -24.59 3.59 -10.66
CA ILE C 288 -24.33 2.91 -11.93
C ILE C 288 -22.92 2.33 -12.00
N CYS C 289 -22.17 2.37 -10.90
CA CYS C 289 -20.77 1.98 -10.91
C CYS C 289 -20.62 0.50 -10.62
N GLY C 290 -19.55 -0.10 -11.13
CA GLY C 290 -19.40 -1.54 -11.08
C GLY C 290 -19.09 -2.05 -9.69
N ILE C 291 -19.38 -3.34 -9.49
CA ILE C 291 -19.14 -4.03 -8.23
C ILE C 291 -17.79 -4.73 -8.33
N THR C 292 -16.89 -4.46 -7.38
CA THR C 292 -15.57 -5.05 -7.41
C THR C 292 -15.49 -6.30 -6.55
N SER C 293 -16.21 -6.33 -5.44
CA SER C 293 -16.15 -7.43 -4.49
C SER C 293 -17.52 -7.65 -3.87
N VAL C 294 -17.76 -8.88 -3.42
CA VAL C 294 -18.97 -9.24 -2.69
C VAL C 294 -18.58 -10.18 -1.56
N SER C 295 -19.31 -10.10 -0.46
CA SER C 295 -19.16 -11.03 0.65
C SER C 295 -20.50 -11.15 1.37
N PHE C 296 -20.65 -12.27 2.08
CA PHE C 296 -21.87 -12.56 2.82
C PHE C 296 -21.56 -12.58 4.31
N SER C 297 -22.46 -11.92 5.06
CA SER C 297 -22.33 -11.95 6.53
C SER C 297 -22.47 -13.41 6.98
N LYS C 298 -22.12 -13.70 8.21
CA LYS C 298 -22.10 -15.08 8.69
C LYS C 298 -23.50 -15.67 8.73
N SER C 299 -24.48 -14.88 9.15
CA SER C 299 -25.87 -15.33 9.07
C SER C 299 -26.36 -15.39 7.62
N GLY C 300 -25.73 -14.61 6.74
CA GLY C 300 -26.13 -14.52 5.35
C GLY C 300 -27.13 -13.42 5.04
N ARG C 301 -27.62 -12.69 6.04
CA ARG C 301 -28.59 -11.63 5.78
C ARG C 301 -27.95 -10.46 5.05
N LEU C 302 -26.76 -10.05 5.48
CA LEU C 302 -26.11 -8.85 4.98
C LEU C 302 -25.14 -9.20 3.87
N LEU C 303 -25.35 -8.64 2.69
CA LEU C 303 -24.42 -8.76 1.56
C LEU C 303 -23.63 -7.46 1.45
N LEU C 304 -22.32 -7.55 1.68
CA LEU C 304 -21.42 -6.42 1.61
C LEU C 304 -20.79 -6.38 0.22
N ALA C 305 -21.13 -5.37 -0.56
CA ALA C 305 -20.69 -5.24 -1.94
C ALA C 305 -19.75 -4.05 -2.07
N GLY C 306 -18.55 -4.30 -2.58
CA GLY C 306 -17.58 -3.25 -2.82
C GLY C 306 -17.74 -2.71 -4.23
N TYR C 307 -17.65 -1.39 -4.36
CA TYR C 307 -17.94 -0.69 -5.61
C TYR C 307 -16.76 0.17 -6.03
N ASP C 308 -16.67 0.43 -7.34
CA ASP C 308 -15.64 1.33 -7.86
C ASP C 308 -15.92 2.78 -7.48
N ASP C 309 -17.10 3.08 -6.93
CA ASP C 309 -17.40 4.43 -6.48
C ASP C 309 -16.82 4.73 -5.10
N PHE C 310 -15.85 3.93 -4.63
CA PHE C 310 -15.06 4.20 -3.43
C PHE C 310 -15.84 3.96 -2.14
N ASN C 311 -17.04 3.38 -2.23
CA ASN C 311 -17.88 3.13 -1.06
C ASN C 311 -18.48 1.73 -1.16
N CYS C 312 -18.29 0.93 -0.11
CA CYS C 312 -18.97 -0.35 -0.03
C CYS C 312 -20.36 -0.16 0.57
N ASN C 313 -21.33 -0.89 0.01
CA ASN C 313 -22.72 -0.81 0.42
C ASN C 313 -23.12 -2.12 1.11
N VAL C 314 -23.76 -1.99 2.26
CA VAL C 314 -24.25 -3.14 3.02
C VAL C 314 -25.71 -3.36 2.64
N TRP C 315 -25.97 -4.46 1.94
CA TRP C 315 -27.27 -4.77 1.37
C TRP C 315 -27.97 -5.80 2.25
N ASP C 316 -29.22 -5.51 2.61
CA ASP C 316 -30.07 -6.49 3.26
C ASP C 316 -30.54 -7.49 2.22
N ALA C 317 -29.98 -8.70 2.26
CA ALA C 317 -30.23 -9.66 1.19
C ALA C 317 -31.70 -10.06 1.11
N LEU C 318 -32.35 -10.24 2.26
CA LEU C 318 -33.73 -10.71 2.25
C LEU C 318 -34.69 -9.67 1.65
N LYS C 319 -34.48 -8.39 1.96
CA LYS C 319 -35.39 -7.33 1.53
C LYS C 319 -34.80 -6.42 0.45
N ALA C 320 -33.48 -6.46 0.23
CA ALA C 320 -32.83 -5.67 -0.81
C ALA C 320 -33.06 -4.17 -0.61
N ASP C 321 -32.76 -3.69 0.60
CA ASP C 321 -32.74 -2.26 0.91
C ASP C 321 -31.41 -1.95 1.58
N ARG C 322 -30.71 -0.95 1.06
CA ARG C 322 -29.39 -0.61 1.59
C ARG C 322 -29.52 -0.12 3.02
N ALA C 323 -28.79 -0.77 3.92
CA ALA C 323 -28.86 -0.50 5.35
C ALA C 323 -27.67 0.30 5.88
N GLY C 324 -26.58 0.39 5.13
CA GLY C 324 -25.43 1.14 5.58
C GLY C 324 -24.44 1.34 4.45
N VAL C 325 -23.47 2.22 4.70
CA VAL C 325 -22.43 2.55 3.75
C VAL C 325 -21.11 2.63 4.49
N LEU C 326 -20.07 2.04 3.90
CA LEU C 326 -18.71 2.10 4.43
C LEU C 326 -17.90 3.00 3.51
N ALA C 327 -17.82 4.28 3.88
CA ALA C 327 -17.19 5.31 3.05
C ALA C 327 -15.99 5.89 3.80
N GLY C 328 -14.83 5.27 3.59
CA GLY C 328 -13.57 5.74 4.12
C GLY C 328 -12.38 5.50 3.21
N HIS C 329 -12.62 5.28 1.92
CA HIS C 329 -11.57 4.93 0.96
C HIS C 329 -11.48 6.01 -0.10
N ASP C 330 -10.25 6.46 -0.38
CA ASP C 330 -10.06 7.48 -1.42
C ASP C 330 -10.21 6.88 -2.82
N ASN C 331 -9.65 5.68 -3.03
CA ASN C 331 -9.64 5.02 -4.32
C ASN C 331 -10.57 3.82 -4.28
N ARG C 332 -10.64 3.11 -5.40
CA ARG C 332 -11.59 2.01 -5.54
C ARG C 332 -11.27 0.88 -4.58
N VAL C 333 -12.32 0.20 -4.10
CA VAL C 333 -12.16 -0.95 -3.23
C VAL C 333 -12.02 -2.18 -4.13
N SER C 334 -10.85 -2.80 -4.09
CA SER C 334 -10.62 -4.01 -4.87
C SER C 334 -11.10 -5.26 -4.14
N CYS C 335 -10.98 -5.26 -2.82
CA CYS C 335 -11.10 -6.46 -2.01
C CYS C 335 -12.14 -6.25 -0.91
N LEU C 336 -12.78 -7.33 -0.51
CA LEU C 336 -13.70 -7.33 0.62
C LEU C 336 -13.75 -8.74 1.18
N GLY C 337 -13.57 -8.86 2.50
CA GLY C 337 -13.58 -10.16 3.15
C GLY C 337 -14.14 -10.13 4.55
N VAL C 338 -15.12 -10.99 4.82
CA VAL C 338 -15.75 -11.12 6.13
C VAL C 338 -15.10 -12.27 6.86
N THR C 339 -14.79 -12.07 8.14
CA THR C 339 -14.10 -13.08 8.91
C THR C 339 -14.95 -14.33 9.08
N ASP C 340 -14.29 -15.44 9.43
CA ASP C 340 -15.02 -16.67 9.68
C ASP C 340 -15.94 -16.54 10.88
N ASP C 341 -15.48 -15.85 11.93
CA ASP C 341 -16.33 -15.61 13.09
C ASP C 341 -17.43 -14.59 12.77
N GLY C 342 -17.23 -13.77 11.75
CA GLY C 342 -18.18 -12.74 11.38
C GLY C 342 -18.05 -11.44 12.13
N MET C 343 -17.02 -11.29 12.96
CA MET C 343 -16.87 -10.06 13.74
C MET C 343 -16.50 -8.87 12.84
N ALA C 344 -15.51 -9.05 11.98
CA ALA C 344 -14.84 -7.94 11.30
C ALA C 344 -14.95 -8.06 9.79
N VAL C 345 -14.90 -6.91 9.12
CA VAL C 345 -14.91 -6.81 7.66
C VAL C 345 -13.66 -6.04 7.25
N ALA C 346 -12.85 -6.66 6.39
CA ALA C 346 -11.64 -6.03 5.85
C ALA C 346 -11.89 -5.64 4.41
N THR C 347 -11.61 -4.37 4.08
CA THR C 347 -11.79 -3.83 2.74
C THR C 347 -10.49 -3.22 2.26
N GLY C 348 -9.86 -3.84 1.27
CA GLY C 348 -8.66 -3.30 0.65
C GLY C 348 -9.04 -2.43 -0.53
N SER C 349 -8.11 -1.56 -0.93
CA SER C 349 -8.39 -0.59 -1.98
C SER C 349 -7.09 -0.11 -2.61
N TRP C 350 -7.23 0.63 -3.71
CA TRP C 350 -6.09 1.10 -4.48
C TRP C 350 -5.33 2.24 -3.82
N ASP C 351 -5.83 2.79 -2.70
CA ASP C 351 -5.06 3.83 -2.00
C ASP C 351 -4.03 3.22 -1.05
N SER C 352 -3.83 1.90 -1.11
CA SER C 352 -2.77 1.21 -0.37
C SER C 352 -3.05 1.11 1.12
N PHE C 353 -4.28 1.44 1.54
CA PHE C 353 -4.74 1.22 2.91
C PHE C 353 -5.93 0.28 2.88
N LEU C 354 -5.89 -0.76 3.73
CA LEU C 354 -7.01 -1.66 3.92
C LEU C 354 -7.50 -1.53 5.35
N LYS C 355 -8.81 -1.26 5.50
CA LYS C 355 -9.40 -0.89 6.77
C LYS C 355 -10.28 -2.03 7.28
N ILE C 356 -10.11 -2.36 8.55
CA ILE C 356 -10.90 -3.40 9.21
C ILE C 356 -12.06 -2.71 9.92
N TRP C 357 -13.28 -3.10 9.55
CA TRP C 357 -14.51 -2.52 10.08
C TRP C 357 -15.16 -3.53 10.99
N ASN C 358 -15.86 -3.05 12.02
CA ASN C 358 -16.52 -3.92 13.00
C ASN C 358 -17.89 -3.37 13.35
N GLN D 11 -17.68 -28.91 -31.16
CA GLN D 11 -18.12 -27.97 -30.15
C GLN D 11 -19.64 -28.04 -29.96
N ALA D 12 -20.36 -28.05 -31.08
CA ALA D 12 -21.81 -28.14 -31.01
C ALA D 12 -22.25 -29.48 -30.42
N ARG D 13 -21.51 -30.55 -30.71
CA ARG D 13 -21.80 -31.85 -30.11
C ARG D 13 -21.61 -31.80 -28.60
N LYS D 14 -20.66 -30.99 -28.13
CA LYS D 14 -20.46 -30.83 -26.69
C LYS D 14 -21.55 -29.98 -26.08
N LEU D 15 -21.98 -28.92 -26.78
CA LEU D 15 -22.98 -28.02 -26.24
C LEU D 15 -24.31 -28.72 -26.05
N VAL D 16 -24.73 -29.53 -27.03
CA VAL D 16 -25.97 -30.27 -26.90
C VAL D 16 -25.86 -31.30 -25.80
N GLU D 17 -24.68 -31.91 -25.64
CA GLU D 17 -24.47 -32.85 -24.54
C GLU D 17 -24.58 -32.15 -23.19
N GLN D 18 -23.97 -30.97 -23.06
CA GLN D 18 -24.05 -30.23 -21.80
C GLN D 18 -25.47 -29.76 -21.53
N LEU D 19 -26.18 -29.31 -22.57
CA LEU D 19 -27.54 -28.83 -22.39
C LEU D 19 -28.46 -29.95 -21.92
N LYS D 20 -28.28 -31.15 -22.48
CA LYS D 20 -29.12 -32.28 -22.06
C LYS D 20 -28.86 -32.63 -20.61
N MET D 21 -27.61 -32.64 -20.18
CA MET D 21 -27.29 -32.97 -18.79
C MET D 21 -27.86 -31.92 -17.84
N GLU D 22 -27.70 -30.64 -18.16
CA GLU D 22 -28.21 -29.59 -17.29
C GLU D 22 -29.73 -29.47 -17.40
N ALA D 23 -30.32 -29.98 -18.48
CA ALA D 23 -31.76 -29.89 -18.63
C ALA D 23 -32.50 -30.66 -17.54
N ASN D 24 -32.04 -31.87 -17.23
CA ASN D 24 -32.69 -32.72 -16.23
C ASN D 24 -31.94 -32.64 -14.89
N ILE D 25 -32.58 -31.99 -13.93
CA ILE D 25 -32.14 -31.91 -12.54
C ILE D 25 -33.37 -31.76 -11.67
N ASP D 26 -33.29 -32.24 -10.43
CA ASP D 26 -34.38 -32.03 -9.50
C ASP D 26 -34.44 -30.57 -9.07
N ARG D 27 -35.52 -29.89 -9.42
CA ARG D 27 -35.70 -28.46 -9.17
C ARG D 27 -36.70 -28.25 -8.05
N ILE D 28 -36.23 -27.67 -6.95
CA ILE D 28 -37.11 -27.33 -5.84
C ILE D 28 -37.92 -26.09 -6.21
N LYS D 29 -39.15 -26.02 -5.69
CA LYS D 29 -39.96 -24.83 -5.88
C LYS D 29 -39.28 -23.62 -5.25
N VAL D 30 -39.44 -22.46 -5.89
CA VAL D 30 -38.74 -21.26 -5.45
C VAL D 30 -39.18 -20.85 -4.05
N SER D 31 -40.47 -21.03 -3.74
CA SER D 31 -40.97 -20.62 -2.43
C SER D 31 -40.34 -21.45 -1.32
N LYS D 32 -40.16 -22.76 -1.55
CA LYS D 32 -39.55 -23.61 -0.53
C LYS D 32 -38.12 -23.19 -0.25
N ALA D 33 -37.35 -22.91 -1.30
CA ALA D 33 -35.96 -22.49 -1.11
C ALA D 33 -35.91 -21.12 -0.43
N ALA D 34 -36.83 -20.23 -0.78
CA ALA D 34 -36.90 -18.94 -0.10
C ALA D 34 -37.18 -19.11 1.39
N ALA D 35 -38.11 -20.00 1.72
CA ALA D 35 -38.40 -20.27 3.13
C ALA D 35 -37.20 -20.87 3.84
N ASP D 36 -36.47 -21.77 3.17
CA ASP D 36 -35.28 -22.35 3.79
C ASP D 36 -34.22 -21.30 4.05
N LEU D 37 -33.99 -20.40 3.10
CA LEU D 37 -33.02 -19.33 3.29
C LEU D 37 -33.43 -18.41 4.42
N MET D 38 -34.72 -18.07 4.48
CA MET D 38 -35.22 -17.24 5.57
C MET D 38 -35.05 -17.94 6.91
N ALA D 39 -35.29 -19.25 6.95
CA ALA D 39 -35.13 -20.00 8.20
C ALA D 39 -33.69 -19.99 8.66
N TYR D 40 -32.75 -20.19 7.73
CA TYR D 40 -31.34 -20.13 8.08
C TYR D 40 -30.97 -18.76 8.64
N CYS D 41 -31.42 -17.70 7.95
CA CYS D 41 -31.07 -16.35 8.39
C CYS D 41 -31.65 -16.05 9.76
N GLU D 42 -32.90 -16.47 10.01
CA GLU D 42 -33.51 -16.26 11.32
C GLU D 42 -32.80 -17.06 12.40
N ALA D 43 -32.43 -18.30 12.08
CA ALA D 43 -31.79 -19.16 13.08
C ALA D 43 -30.43 -18.61 13.49
N HIS D 44 -29.65 -18.11 12.54
CA HIS D 44 -28.31 -17.60 12.82
C HIS D 44 -28.27 -16.09 13.07
N ALA D 45 -29.42 -15.47 13.35
CA ALA D 45 -29.44 -14.03 13.59
C ALA D 45 -28.63 -13.67 14.83
N LYS D 46 -28.79 -14.43 15.91
CA LYS D 46 -28.04 -14.14 17.13
C LYS D 46 -26.55 -14.43 16.97
N GLU D 47 -26.21 -15.37 16.10
CA GLU D 47 -24.82 -15.76 15.93
C GLU D 47 -23.99 -14.65 15.31
N ASP D 48 -24.60 -13.85 14.44
CA ASP D 48 -23.87 -12.87 13.65
C ASP D 48 -23.52 -11.66 14.50
N PRO D 49 -22.25 -11.25 14.60
CA PRO D 49 -21.96 -9.97 15.30
C PRO D 49 -22.31 -8.74 14.48
N LEU D 50 -22.22 -8.81 13.14
CA LEU D 50 -22.43 -7.62 12.33
C LEU D 50 -23.89 -7.18 12.34
N LEU D 51 -24.82 -8.14 12.37
CA LEU D 51 -26.24 -7.78 12.34
C LEU D 51 -26.63 -6.98 13.58
N THR D 52 -26.33 -7.51 14.75
CA THR D 52 -26.56 -6.87 16.04
C THR D 52 -25.22 -6.52 16.66
N PRO D 53 -24.87 -5.24 16.84
CA PRO D 53 -23.52 -4.91 17.32
C PRO D 53 -23.22 -5.54 18.68
N VAL D 54 -22.09 -6.23 18.74
CA VAL D 54 -21.67 -6.97 19.92
C VAL D 54 -21.36 -5.95 21.02
N PRO D 55 -21.46 -6.30 22.31
CA PRO D 55 -20.98 -5.38 23.34
C PRO D 55 -19.50 -5.07 23.17
N ALA D 56 -19.12 -3.86 23.59
CA ALA D 56 -17.78 -3.36 23.30
C ALA D 56 -16.70 -4.21 23.96
N SER D 57 -16.95 -4.71 25.16
CA SER D 57 -15.97 -5.54 25.83
C SER D 57 -15.77 -6.86 25.11
N GLU D 58 -16.82 -7.37 24.45
CA GLU D 58 -16.75 -8.69 23.84
C GLU D 58 -15.88 -8.69 22.59
N ASN D 59 -15.90 -7.60 21.83
CA ASN D 59 -15.21 -7.60 20.54
C ASN D 59 -13.69 -7.65 20.73
N PRO D 60 -12.93 -8.20 19.79
CA PRO D 60 -11.48 -8.13 19.91
C PRO D 60 -10.88 -6.86 19.33
N PHE D 61 -11.57 -6.25 18.36
CA PHE D 61 -11.08 -5.04 17.71
C PHE D 61 -11.54 -3.79 18.44
N VAL E 2 20.30 -26.38 10.20
CA VAL E 2 20.52 -25.31 11.17
C VAL E 2 21.50 -25.81 12.23
N GLN E 3 22.48 -24.96 12.57
CA GLN E 3 23.51 -25.31 13.54
C GLN E 3 24.00 -24.05 14.24
N LEU E 4 24.29 -24.18 15.53
CA LEU E 4 24.95 -23.15 16.31
C LEU E 4 26.15 -23.79 17.00
N VAL E 5 27.35 -23.43 16.56
CA VAL E 5 28.60 -23.96 17.09
C VAL E 5 29.22 -22.89 17.97
N GLU E 6 29.53 -23.26 19.20
CA GLU E 6 30.07 -22.35 20.21
C GLU E 6 31.56 -22.60 20.37
N SER E 7 32.34 -21.53 20.36
CA SER E 7 33.80 -21.61 20.45
C SER E 7 34.29 -20.64 21.53
N GLY E 8 35.46 -20.95 22.06
CA GLY E 8 36.07 -20.16 23.11
C GLY E 8 35.65 -20.63 24.49
N GLY E 9 36.49 -20.29 25.48
CA GLY E 9 36.28 -20.66 26.85
C GLY E 9 37.60 -21.01 27.51
N GLY E 10 37.53 -21.95 28.46
CA GLY E 10 38.72 -22.43 29.15
C GLY E 10 38.99 -21.69 30.45
N LEU E 11 40.07 -22.09 31.10
CA LEU E 11 40.44 -21.52 32.39
C LEU E 11 40.81 -20.06 32.25
N VAL E 12 40.41 -19.26 33.23
CA VAL E 12 40.73 -17.83 33.30
C VAL E 12 41.07 -17.50 34.74
N GLN E 13 42.12 -16.69 34.93
CA GLN E 13 42.39 -16.14 36.24
C GLN E 13 41.27 -15.17 36.62
N PRO E 14 40.83 -15.14 37.89
CA PRO E 14 39.77 -14.20 38.25
C PRO E 14 40.17 -12.75 37.99
N GLY E 15 39.21 -11.96 37.53
CA GLY E 15 39.45 -10.61 37.10
C GLY E 15 39.83 -10.46 35.64
N GLY E 16 40.06 -11.57 34.93
CA GLY E 16 40.44 -11.48 33.54
C GLY E 16 39.24 -11.20 32.65
N SER E 17 39.49 -11.29 31.34
CA SER E 17 38.48 -11.05 30.31
C SER E 17 38.52 -12.16 29.28
N ARG E 18 37.35 -12.56 28.79
CA ARG E 18 37.23 -13.55 27.73
C ARG E 18 36.08 -13.16 26.81
N LYS E 19 36.10 -13.72 25.60
CA LYS E 19 35.07 -13.51 24.60
C LYS E 19 34.68 -14.85 24.00
N LEU E 20 33.40 -15.20 24.12
CA LEU E 20 32.86 -16.43 23.56
C LEU E 20 32.17 -16.08 22.26
N SER E 21 32.22 -16.98 21.28
CA SER E 21 31.62 -16.77 19.97
C SER E 21 30.76 -17.97 19.61
N CYS E 22 29.53 -17.67 19.19
CA CYS E 22 28.60 -18.73 18.67
C CYS E 22 28.35 -18.38 17.19
N SER E 23 28.70 -19.27 16.27
CA SER E 23 28.62 -19.06 14.83
C SER E 23 27.41 -19.81 14.28
N ALA E 24 26.56 -19.10 13.55
CA ALA E 24 25.31 -19.63 13.04
C ALA E 24 25.45 -19.99 11.58
N SER E 25 25.00 -21.19 11.22
CA SER E 25 24.97 -21.63 9.84
C SER E 25 23.63 -22.32 9.57
N GLY E 26 23.10 -22.10 8.37
CA GLY E 26 21.90 -22.77 7.94
C GLY E 26 20.60 -22.07 8.26
N PHE E 27 20.63 -20.91 8.91
CA PHE E 27 19.41 -20.15 9.15
C PHE E 27 19.70 -18.65 9.04
N ALA E 28 18.64 -17.90 8.78
CA ALA E 28 18.71 -16.46 8.58
C ALA E 28 18.98 -15.79 9.92
N PHE E 29 20.26 -15.53 10.19
CA PHE E 29 20.66 -15.03 11.50
C PHE E 29 20.09 -13.66 11.79
N SER E 30 19.80 -12.87 10.75
CA SER E 30 19.32 -11.51 10.97
C SER E 30 17.93 -11.51 11.60
N SER E 31 17.12 -12.51 11.27
CA SER E 31 15.73 -12.52 11.74
C SER E 31 15.63 -12.92 13.21
N PHE E 32 16.59 -13.72 13.69
CA PHE E 32 16.46 -14.35 15.01
C PHE E 32 17.10 -13.51 16.10
N GLY E 33 16.29 -13.08 17.06
CA GLY E 33 16.84 -12.52 18.28
C GLY E 33 17.48 -13.61 19.13
N MET E 34 18.68 -13.31 19.63
CA MET E 34 19.56 -14.32 20.20
C MET E 34 19.73 -14.09 21.69
N HIS E 35 20.03 -15.17 22.41
CA HIS E 35 20.28 -15.15 23.84
C HIS E 35 21.66 -15.73 24.16
N VAL E 37 22.19 -17.71 27.69
CA VAL E 37 21.75 -18.62 28.74
C VAL E 37 22.91 -19.49 29.18
N ARG E 38 23.18 -19.53 30.48
CA ARG E 38 24.27 -20.31 31.05
C ARG E 38 23.72 -21.32 32.05
N GLN E 39 24.44 -22.43 32.21
CA GLN E 39 24.13 -23.45 33.21
C GLN E 39 25.38 -23.71 34.04
N ALA E 40 25.28 -23.53 35.35
CA ALA E 40 26.41 -23.81 36.22
C ALA E 40 26.66 -25.32 36.27
N PRO E 41 27.85 -25.75 36.71
CA PRO E 41 28.19 -27.18 36.61
C PRO E 41 27.23 -28.11 37.34
N GLU E 42 26.68 -27.68 38.48
CA GLU E 42 25.77 -28.49 39.28
C GLU E 42 24.50 -27.76 39.66
N LYS E 43 23.90 -27.01 38.74
CA LYS E 43 22.70 -26.24 39.02
C LYS E 43 21.99 -25.94 37.70
N GLY E 44 20.71 -25.57 37.80
CA GLY E 44 19.91 -25.35 36.62
C GLY E 44 20.42 -24.20 35.75
N LEU E 45 19.65 -23.92 34.71
CA LEU E 45 20.04 -22.88 33.76
C LEU E 45 19.70 -21.50 34.30
N GLU E 46 20.41 -20.49 33.82
CA GLU E 46 20.18 -19.10 34.18
C GLU E 46 20.42 -18.22 32.96
N TRP E 47 19.53 -17.26 32.73
CA TRP E 47 19.56 -16.46 31.51
C TRP E 47 20.58 -15.33 31.68
N VAL E 48 21.45 -15.16 30.68
CA VAL E 48 22.57 -14.23 30.80
C VAL E 48 22.26 -12.92 30.09
N ALA E 49 21.87 -12.98 28.82
CA ALA E 49 21.71 -11.77 28.02
C ALA E 49 20.77 -12.06 26.85
N TYR E 50 20.36 -10.99 26.18
CA TYR E 50 19.47 -11.07 25.02
C TYR E 50 19.81 -9.93 24.07
N ILE E 51 19.79 -10.24 22.77
CA ILE E 51 20.05 -9.26 21.72
C ILE E 51 18.97 -9.45 20.66
N SER E 52 18.31 -8.36 20.28
CA SER E 52 17.20 -8.44 19.36
C SER E 52 17.70 -8.55 17.92
N SER E 53 16.76 -8.56 16.98
CA SER E 53 17.12 -8.53 15.57
C SER E 53 17.54 -7.12 15.18
N GLY E 54 18.71 -7.02 14.53
CA GLY E 54 19.29 -5.73 14.21
C GLY E 54 19.95 -5.02 15.38
N SER E 55 20.12 -5.69 16.52
CA SER E 55 20.77 -5.13 17.69
C SER E 55 20.03 -3.93 18.27
N GLY E 56 18.72 -3.84 18.03
CA GLY E 56 17.97 -2.69 18.51
C GLY E 56 17.85 -2.66 20.03
N THR E 57 17.64 -3.81 20.65
CA THR E 57 17.33 -3.92 22.07
C THR E 57 18.27 -4.92 22.72
N ILE E 58 18.74 -4.60 23.93
CA ILE E 58 19.63 -5.47 24.69
C ILE E 58 19.12 -5.51 26.13
N TYR E 59 19.16 -6.70 26.73
CA TYR E 59 18.90 -6.88 28.15
C TYR E 59 19.97 -7.79 28.74
N TYR E 60 20.34 -7.53 29.99
CA TYR E 60 21.26 -8.38 30.74
C TYR E 60 20.62 -8.72 32.07
N ALA E 61 21.01 -9.87 32.63
CA ALA E 61 20.62 -10.19 34.00
C ALA E 61 21.38 -9.29 34.97
N ASP E 62 20.76 -9.05 36.12
CA ASP E 62 21.37 -8.16 37.12
C ASP E 62 22.68 -8.74 37.64
N THR E 63 22.83 -10.06 37.61
CA THR E 63 24.06 -10.68 38.10
C THR E 63 25.26 -10.29 37.23
N VAL E 64 25.02 -10.09 35.93
CA VAL E 64 26.10 -9.83 34.97
C VAL E 64 26.03 -8.42 34.38
N LYS E 65 25.09 -7.58 34.83
CA LYS E 65 24.95 -6.27 34.24
C LYS E 65 26.17 -5.41 34.55
N GLY E 66 26.67 -4.71 33.53
CA GLY E 66 27.81 -3.83 33.68
C GLY E 66 29.16 -4.50 33.49
N ARG E 67 29.23 -5.83 33.53
CA ARG E 67 30.47 -6.57 33.34
C ARG E 67 30.52 -7.32 32.02
N PHE E 68 29.37 -7.68 31.45
CA PHE E 68 29.30 -8.42 30.19
C PHE E 68 28.88 -7.46 29.09
N THR E 69 29.17 -7.86 27.84
CA THR E 69 28.72 -7.13 26.66
C THR E 69 28.41 -8.12 25.55
N ILE E 70 27.18 -8.06 25.05
CA ILE E 70 26.70 -8.94 23.99
C ILE E 70 26.67 -8.16 22.70
N SER E 71 27.19 -8.75 21.63
CA SER E 71 27.27 -8.11 20.32
C SER E 71 27.14 -9.16 19.24
N ARG E 72 26.45 -8.79 18.15
CA ARG E 72 26.22 -9.67 17.01
C ARG E 72 26.81 -9.04 15.76
N ASP E 73 27.40 -9.88 14.91
CA ASP E 73 27.95 -9.44 13.60
C ASP E 73 27.05 -10.09 12.56
N ASP E 74 26.04 -9.38 12.07
CA ASP E 74 25.04 -9.98 11.18
C ASP E 74 25.62 -10.53 9.87
N PRO E 75 26.42 -9.80 9.09
CA PRO E 75 26.91 -10.39 7.83
C PRO E 75 27.77 -11.63 8.03
N LYS E 76 28.56 -11.67 9.10
CA LYS E 76 29.32 -12.87 9.42
C LYS E 76 28.48 -13.90 10.18
N ASN E 77 27.34 -13.47 10.74
CA ASN E 77 26.36 -14.26 11.48
C ASN E 77 26.86 -14.62 12.89
N THR E 78 28.08 -14.27 13.27
CA THR E 78 28.61 -14.65 14.57
C THR E 78 28.07 -13.73 15.65
N LEU E 79 27.85 -14.30 16.84
CA LEU E 79 27.42 -13.56 18.02
C LEU E 79 28.48 -13.71 19.10
N PHE E 80 28.75 -12.62 19.81
CA PHE E 80 29.80 -12.58 20.82
C PHE E 80 29.26 -12.14 22.16
N LEU E 81 29.87 -12.66 23.22
CA LEU E 81 29.69 -12.20 24.59
C LEU E 81 31.06 -11.84 25.15
N GLN E 82 31.32 -10.54 25.30
CA GLN E 82 32.58 -10.05 25.83
C GLN E 82 32.46 -9.93 27.34
N MET E 83 33.35 -10.60 28.06
CA MET E 83 33.28 -10.72 29.51
C MET E 83 34.42 -9.94 30.13
N THR E 84 34.10 -9.21 31.20
CA THR E 84 35.09 -8.45 31.96
C THR E 84 34.90 -8.72 33.44
N SER E 85 36.02 -8.72 34.17
CA SER E 85 36.02 -8.96 35.62
C SER E 85 35.39 -10.31 35.94
N LEU E 86 35.98 -11.38 35.42
CA LEU E 86 35.43 -12.71 35.64
C LEU E 86 35.53 -13.10 37.10
N ARG E 87 34.48 -13.74 37.60
CA ARG E 87 34.32 -14.10 39.00
C ARG E 87 34.06 -15.60 39.09
N SER E 88 34.28 -16.15 40.28
CA SER E 88 34.11 -17.59 40.48
C SER E 88 32.69 -18.04 40.19
N GLU E 89 31.71 -17.16 40.40
CA GLU E 89 30.32 -17.51 40.13
C GLU E 89 30.05 -17.59 38.62
N ASP E 90 30.91 -16.97 37.81
CA ASP E 90 30.65 -16.93 36.37
C ASP E 90 30.99 -18.24 35.68
N THR E 91 31.62 -19.18 36.38
CA THR E 91 31.87 -20.50 35.78
C THR E 91 30.54 -21.19 35.47
N ALA E 92 30.41 -21.67 34.23
CA ALA E 92 29.16 -22.25 33.76
C ALA E 92 29.38 -22.81 32.36
N MET E 93 28.30 -23.40 31.83
CA MET E 93 28.29 -23.85 30.42
C MET E 93 27.41 -22.83 29.69
N TYR E 94 27.96 -22.08 28.75
CA TYR E 94 27.29 -20.96 28.09
C TYR E 94 26.67 -21.45 26.78
N TYR E 95 25.38 -21.18 26.62
CA TYR E 95 24.61 -21.64 25.48
C TYR E 95 24.13 -20.44 24.67
N CYS E 96 24.24 -20.61 23.35
CA CYS E 96 23.75 -19.60 22.39
C CYS E 96 22.39 -20.11 21.89
N VAL E 97 21.32 -19.35 22.11
CA VAL E 97 19.96 -19.76 21.80
C VAL E 97 19.35 -18.74 20.85
N ARG E 98 18.66 -19.25 19.83
CA ARG E 98 17.95 -18.42 18.86
C ARG E 98 16.52 -18.26 19.34
N SER E 99 15.85 -17.22 18.83
CA SER E 99 14.45 -16.96 19.16
C SER E 99 13.89 -15.92 18.21
N ILE E 100 12.67 -16.16 17.74
CA ILE E 100 11.97 -15.26 16.82
C ILE E 100 10.61 -14.95 17.41
N TYR E 101 10.20 -13.69 17.32
CA TYR E 101 8.98 -13.20 17.97
C TYR E 101 8.04 -12.59 16.94
N TYR E 102 7.04 -13.38 16.53
CA TYR E 102 5.89 -12.89 15.79
C TYR E 102 4.71 -13.75 16.22
N TYR E 103 3.55 -13.47 15.65
CA TYR E 103 2.36 -14.23 16.03
C TYR E 103 2.50 -15.68 15.59
N GLY E 104 2.35 -16.59 16.55
CA GLY E 104 2.50 -18.01 16.29
C GLY E 104 3.92 -18.51 16.29
N SER E 105 4.88 -17.71 16.72
CA SER E 105 6.28 -18.13 16.71
C SER E 105 6.54 -19.11 17.84
N SER E 106 7.70 -19.78 17.78
CA SER E 106 8.14 -20.71 18.80
C SER E 106 9.54 -20.31 19.25
N PRO E 107 9.69 -19.27 20.08
CA PRO E 107 11.03 -18.86 20.49
C PRO E 107 11.74 -19.91 21.33
N PHE E 108 13.05 -19.79 21.43
CA PHE E 108 13.95 -20.69 22.15
C PHE E 108 13.93 -22.09 21.53
N ASP E 109 13.64 -22.20 20.23
CA ASP E 109 13.46 -23.55 19.62
C ASP E 109 14.78 -24.32 19.52
N PHE E 110 15.88 -23.67 19.12
CA PHE E 110 17.15 -24.33 18.89
C PHE E 110 18.21 -23.80 19.83
N TRP E 111 19.05 -24.69 20.36
CA TRP E 111 20.11 -24.37 21.31
C TRP E 111 21.43 -24.89 20.78
N GLY E 112 22.52 -24.18 21.08
CA GLY E 112 23.84 -24.62 20.67
C GLY E 112 24.41 -25.68 21.59
N GLN E 113 25.64 -26.12 21.26
CA GLN E 113 26.25 -27.21 22.00
C GLN E 113 26.76 -26.76 23.37
N GLY E 114 27.48 -25.64 23.42
CA GLY E 114 27.97 -25.09 24.66
C GLY E 114 29.47 -25.26 24.83
N THR E 115 30.09 -24.27 25.48
CA THR E 115 31.51 -24.29 25.84
C THR E 115 31.65 -24.06 27.34
N THR E 116 32.41 -24.93 27.98
CA THR E 116 32.64 -24.79 29.41
C THR E 116 33.53 -23.60 29.70
N LEU E 117 33.20 -22.86 30.76
CA LEU E 117 34.03 -21.79 31.27
C LEU E 117 34.30 -22.07 32.75
N THR E 118 35.58 -22.05 33.13
CA THR E 118 36.00 -22.27 34.51
C THR E 118 36.88 -21.12 34.94
N VAL E 119 36.77 -20.72 36.20
CA VAL E 119 37.47 -19.55 36.70
C VAL E 119 37.51 -19.59 38.22
N ASP E 137 11.29 -9.79 40.13
CA ASP E 137 11.56 -11.01 39.37
C ASP E 137 10.55 -12.09 39.70
N ILE E 138 10.01 -12.74 38.67
CA ILE E 138 9.09 -13.85 38.90
C ILE E 138 9.90 -15.08 39.28
N VAL E 139 9.58 -15.66 40.44
CA VAL E 139 10.29 -16.81 40.98
C VAL E 139 9.50 -18.06 40.62
N MET E 140 10.12 -18.94 39.83
CA MET E 140 9.50 -20.18 39.37
C MET E 140 10.13 -21.33 40.12
N THR E 141 9.31 -22.16 40.74
CA THR E 141 9.75 -23.24 41.61
C THR E 141 9.24 -24.57 41.08
N GLN E 142 10.10 -25.59 41.12
CA GLN E 142 9.72 -26.97 40.85
C GLN E 142 9.62 -27.70 42.18
N ALA E 143 8.48 -28.34 42.42
CA ALA E 143 8.22 -28.94 43.73
C ALA E 143 9.21 -30.04 44.04
N THR E 144 9.52 -30.89 43.06
CA THR E 144 10.37 -32.06 43.23
C THR E 144 11.65 -31.86 42.43
N SER E 145 12.79 -32.22 43.04
CA SER E 145 14.05 -32.19 42.31
C SER E 145 14.26 -33.49 41.53
N SER E 146 13.74 -34.60 42.05
CA SER E 146 13.83 -35.90 41.39
C SER E 146 12.46 -36.58 41.47
N VAL E 147 12.15 -37.37 40.45
CA VAL E 147 10.88 -38.08 40.35
C VAL E 147 11.18 -39.47 39.78
N PRO E 148 10.85 -40.55 40.50
CA PRO E 148 10.98 -41.88 39.86
C PRO E 148 9.92 -42.10 38.79
N VAL E 149 10.29 -42.84 37.75
CA VAL E 149 9.40 -43.14 36.63
C VAL E 149 9.58 -44.60 36.25
N THR E 150 8.59 -45.13 35.52
CA THR E 150 8.64 -46.45 34.94
C THR E 150 8.26 -46.37 33.46
N PRO E 151 8.77 -47.26 32.60
CA PRO E 151 8.39 -47.18 31.18
C PRO E 151 6.90 -47.41 30.98
N GLY E 152 6.31 -46.65 30.06
CA GLY E 152 4.93 -46.83 29.70
C GLY E 152 3.92 -46.27 30.70
N GLU E 153 4.38 -45.61 31.76
CA GLU E 153 3.51 -45.10 32.80
C GLU E 153 3.48 -43.58 32.72
N SER E 154 2.31 -43.00 32.95
CA SER E 154 2.17 -41.55 32.86
C SER E 154 2.96 -40.86 33.96
N VAL E 155 3.63 -39.77 33.60
CA VAL E 155 4.43 -38.97 34.53
C VAL E 155 3.98 -37.52 34.39
N SER E 156 3.78 -36.86 35.53
CA SER E 156 3.36 -35.46 35.57
C SER E 156 4.40 -34.65 36.34
N ILE E 157 4.86 -33.56 35.73
CA ILE E 157 5.80 -32.62 36.33
C ILE E 157 5.09 -31.28 36.44
N SER E 158 5.17 -30.66 37.62
CA SER E 158 4.48 -29.41 37.91
C SER E 158 5.50 -28.33 38.24
N CYS E 159 5.23 -27.11 37.77
CA CYS E 159 6.04 -25.94 38.08
C CYS E 159 5.11 -24.80 38.51
N ARG E 160 5.38 -24.21 39.66
CA ARG E 160 4.60 -23.10 40.17
C ARG E 160 5.19 -21.76 39.72
N SER E 161 4.39 -20.71 39.85
CA SER E 161 4.80 -19.35 39.53
C SER E 161 4.40 -18.43 40.67
N SER E 162 5.23 -17.41 40.91
CA SER E 162 4.92 -16.44 41.95
C SER E 162 3.80 -15.51 41.52
N LYS E 163 3.81 -15.08 40.26
CA LYS E 163 2.80 -14.21 39.69
C LYS E 163 2.15 -14.93 38.51
N SER E 164 0.91 -14.56 38.22
CA SER E 164 0.22 -15.13 37.07
C SER E 164 0.97 -14.81 35.79
N LEU E 165 1.23 -15.85 34.99
CA LEU E 165 1.87 -15.69 33.70
C LEU E 165 0.89 -15.40 32.58
N LEU E 166 -0.41 -15.38 32.85
CA LEU E 166 -1.43 -15.13 31.85
C LEU E 166 -1.58 -13.62 31.65
N HIS E 167 -1.20 -13.14 30.46
CA HIS E 167 -1.37 -11.75 30.11
C HIS E 167 -2.81 -11.48 29.72
N SER E 168 -3.17 -10.20 29.65
CA SER E 168 -4.55 -9.82 29.32
C SER E 168 -4.95 -10.33 27.93
N ASN E 169 -3.99 -10.45 27.01
CA ASN E 169 -4.31 -10.90 25.67
C ASN E 169 -4.68 -12.37 25.60
N GLY E 170 -4.49 -13.13 26.69
CA GLY E 170 -4.83 -14.53 26.75
C GLY E 170 -3.64 -15.48 26.69
N ASN E 171 -2.50 -15.03 26.18
CA ASN E 171 -1.32 -15.88 26.18
C ASN E 171 -0.77 -16.02 27.59
N THR E 172 -0.37 -17.25 27.94
CA THR E 172 0.36 -17.53 29.16
C THR E 172 1.75 -17.99 28.76
N TYR E 173 2.78 -17.29 29.23
CA TYR E 173 4.15 -17.46 28.74
C TYR E 173 4.92 -18.40 29.65
N LEU E 174 4.62 -19.70 29.56
CA LEU E 174 5.39 -20.75 30.19
C LEU E 174 5.98 -21.63 29.10
N TYR E 175 7.23 -22.04 29.31
CA TYR E 175 7.95 -22.86 28.35
C TYR E 175 8.54 -24.04 29.11
N TRP E 176 8.50 -25.21 28.46
CA TRP E 176 9.09 -26.43 29.01
C TRP E 176 10.28 -26.85 28.14
N PHE E 177 11.45 -26.94 28.76
CA PHE E 177 12.69 -27.31 28.10
C PHE E 177 13.22 -28.61 28.70
N LEU E 178 13.72 -29.48 27.84
CA LEU E 178 14.20 -30.80 28.23
C LEU E 178 15.67 -30.93 27.87
N GLN E 179 16.47 -31.38 28.84
CA GLN E 179 17.90 -31.58 28.68
C GLN E 179 18.22 -33.06 28.89
N ARG E 180 18.44 -33.80 27.80
CA ARG E 180 18.89 -35.17 27.93
C ARG E 180 20.31 -35.20 28.47
N PRO E 181 20.76 -36.34 29.02
CA PRO E 181 22.17 -36.44 29.41
C PRO E 181 23.09 -36.25 28.22
N GLY E 182 24.08 -35.37 28.40
CA GLY E 182 25.01 -35.06 27.32
C GLY E 182 24.36 -34.44 26.11
N GLN E 183 23.43 -33.52 26.31
CA GLN E 183 22.75 -32.83 25.22
C GLN E 183 22.23 -31.49 25.74
N SER E 184 22.24 -30.49 24.86
CA SER E 184 21.76 -29.17 25.24
C SER E 184 20.24 -29.19 25.37
N PRO E 185 19.66 -28.22 26.08
CA PRO E 185 18.20 -28.18 26.21
C PRO E 185 17.50 -28.01 24.86
N GLN E 186 16.27 -28.53 24.78
CA GLN E 186 15.43 -28.39 23.60
C GLN E 186 14.01 -28.06 24.04
N LEU E 187 13.31 -27.30 23.21
CA LEU E 187 11.97 -26.81 23.53
C LEU E 187 10.96 -27.92 23.28
N LEU E 188 10.15 -28.23 24.30
CA LEU E 188 9.05 -29.16 24.14
C LEU E 188 7.72 -28.42 23.96
N ILE E 189 7.43 -27.47 24.85
CA ILE E 189 6.17 -26.74 24.86
C ILE E 189 6.47 -25.27 25.00
N TYR E 190 5.78 -24.44 24.20
CA TYR E 190 5.86 -23.00 24.29
C TYR E 190 4.47 -22.45 24.56
N ARG E 191 4.38 -21.50 25.49
CA ARG E 191 3.16 -20.86 25.94
C ARG E 191 2.18 -21.83 26.58
N MET E 192 2.68 -22.86 27.28
CA MET E 192 1.95 -23.71 28.23
C MET E 192 1.03 -24.73 27.53
N SER E 193 0.75 -24.57 26.24
CA SER E 193 -0.15 -25.47 25.52
C SER E 193 0.42 -25.94 24.19
N ASN E 194 1.10 -25.05 23.47
CA ASN E 194 1.52 -25.37 22.11
C ASN E 194 2.76 -26.27 22.13
N LEU E 195 2.78 -27.25 21.23
CA LEU E 195 3.80 -28.28 21.20
C LEU E 195 4.79 -27.96 20.08
N ALA E 196 6.07 -27.93 20.43
CA ALA E 196 7.10 -27.58 19.46
C ALA E 196 7.22 -28.65 18.38
N SER E 197 7.58 -28.21 17.17
CA SER E 197 7.73 -29.14 16.06
C SER E 197 8.91 -30.07 16.30
N GLY E 198 8.80 -31.30 15.79
CA GLY E 198 9.83 -32.29 15.97
C GLY E 198 9.80 -33.01 17.30
N VAL E 199 8.77 -32.79 18.10
CA VAL E 199 8.62 -33.41 19.42
C VAL E 199 7.40 -34.31 19.37
N PRO E 200 7.43 -35.52 19.92
CA PRO E 200 6.28 -36.42 19.79
C PRO E 200 5.05 -35.89 20.51
N ASP E 201 3.90 -36.43 20.12
CA ASP E 201 2.63 -35.93 20.63
C ASP E 201 2.34 -36.44 22.05
N ARG E 202 3.20 -37.30 22.60
CA ARG E 202 2.97 -37.79 23.97
C ARG E 202 3.03 -36.66 24.98
N PHE E 203 3.95 -35.71 24.79
CA PHE E 203 4.04 -34.58 25.70
C PHE E 203 2.82 -33.67 25.55
N SER E 204 2.24 -33.29 26.69
CA SER E 204 1.07 -32.42 26.73
C SER E 204 1.25 -31.38 27.81
N GLY E 205 0.79 -30.17 27.54
CA GLY E 205 0.89 -29.06 28.46
C GLY E 205 -0.46 -28.57 28.94
N SER E 206 -0.76 -28.82 30.21
CA SER E 206 -1.96 -28.32 30.87
C SER E 206 -1.53 -27.31 31.93
N GLY E 207 -2.21 -26.18 31.98
CA GLY E 207 -1.83 -25.12 32.89
C GLY E 207 -2.94 -24.24 33.39
N SER E 208 -2.97 -24.02 34.69
CA SER E 208 -3.89 -23.09 35.34
C SER E 208 -3.14 -21.81 35.65
N GLY E 209 -3.86 -20.77 36.05
CA GLY E 209 -3.22 -19.55 36.49
C GLY E 209 -2.34 -19.78 37.70
N THR E 210 -1.05 -19.43 37.59
CA THR E 210 -0.02 -19.54 38.61
C THR E 210 0.34 -21.00 38.92
N ALA E 211 -0.23 -21.99 38.24
CA ALA E 211 0.04 -23.40 38.49
C ALA E 211 -0.03 -24.16 37.17
N PHE E 212 1.06 -24.84 36.83
CA PHE E 212 1.22 -25.47 35.53
C PHE E 212 1.72 -26.90 35.71
N THR E 213 1.43 -27.75 34.72
CA THR E 213 1.83 -29.15 34.75
C THR E 213 2.12 -29.65 33.34
N LEU E 214 3.18 -30.45 33.21
CA LEU E 214 3.52 -31.14 31.97
C LEU E 214 3.31 -32.63 32.19
N THR E 215 2.46 -33.24 31.37
CA THR E 215 2.10 -34.64 31.48
C THR E 215 2.72 -35.42 30.33
N ILE E 216 3.51 -36.43 30.67
CA ILE E 216 4.11 -37.35 29.70
C ILE E 216 3.34 -38.65 29.80
N SER E 217 2.73 -39.07 28.69
CA SER E 217 1.95 -40.29 28.62
C SER E 217 2.65 -41.30 27.74
N ARG E 218 2.66 -42.56 28.18
CA ARG E 218 3.37 -43.63 27.48
C ARG E 218 4.87 -43.31 27.38
N LEU E 219 5.48 -43.03 28.53
CA LEU E 219 6.89 -42.63 28.54
C LEU E 219 7.77 -43.77 28.05
N GLU E 220 8.84 -43.41 27.34
CA GLU E 220 9.79 -44.36 26.80
C GLU E 220 11.20 -43.83 27.01
N ALA E 221 12.18 -44.70 26.75
CA ALA E 221 13.58 -44.29 26.86
C ALA E 221 13.88 -43.20 25.83
N GLU E 222 14.85 -42.36 26.17
CA GLU E 222 15.25 -41.13 25.47
C GLU E 222 14.32 -39.97 25.80
N ASP E 223 13.26 -40.19 26.59
CA ASP E 223 12.45 -39.12 27.16
C ASP E 223 12.82 -38.83 28.61
N VAL E 224 14.00 -39.26 29.06
CA VAL E 224 14.44 -39.14 30.44
C VAL E 224 15.44 -37.99 30.50
N GLY E 225 15.24 -37.08 31.44
CA GLY E 225 16.13 -35.94 31.59
C GLY E 225 15.56 -34.91 32.52
N VAL E 226 16.25 -33.77 32.62
CA VAL E 226 15.82 -32.70 33.51
C VAL E 226 14.89 -31.75 32.74
N TYR E 227 13.74 -31.47 33.33
CA TYR E 227 12.70 -30.66 32.70
C TYR E 227 12.68 -29.30 33.37
N TYR E 228 12.94 -28.25 32.58
CA TYR E 228 13.04 -26.90 33.08
C TYR E 228 11.82 -26.09 32.66
N CYS E 229 11.31 -25.29 33.59
CA CYS E 229 10.17 -24.42 33.37
C CYS E 229 10.64 -22.97 33.38
N MET E 230 10.29 -22.23 32.32
CA MET E 230 10.75 -20.87 32.11
C MET E 230 9.55 -19.96 31.94
N GLN E 231 9.72 -18.71 32.38
CA GLN E 231 8.71 -17.66 32.22
C GLN E 231 9.23 -16.64 31.22
N HIS E 232 8.34 -16.16 30.36
CA HIS E 232 8.65 -15.10 29.39
C HIS E 232 7.66 -13.95 29.46
N LEU E 233 6.97 -13.79 30.59
CA LEU E 233 6.05 -12.66 30.74
C LEU E 233 6.79 -11.34 30.70
N GLU E 234 7.94 -11.27 31.39
CA GLU E 234 8.75 -10.06 31.42
C GLU E 234 10.19 -10.45 31.74
N TYR E 235 11.12 -9.62 31.29
CA TYR E 235 12.52 -9.85 31.62
C TYR E 235 12.79 -9.41 33.06
N PRO E 236 13.75 -10.05 33.75
CA PRO E 236 14.63 -11.16 33.33
C PRO E 236 13.92 -12.50 33.27
N LEU E 237 14.39 -13.42 32.43
CA LEU E 237 13.78 -14.73 32.27
C LEU E 237 14.36 -15.67 33.30
N THR E 238 13.50 -16.21 34.17
CA THR E 238 13.91 -17.05 35.28
C THR E 238 13.55 -18.50 34.97
N PHE E 239 14.52 -19.39 35.12
CA PHE E 239 14.33 -20.83 34.96
C PHE E 239 14.03 -21.45 36.31
N GLY E 240 13.14 -22.44 36.34
CA GLY E 240 13.00 -23.27 37.51
C GLY E 240 14.18 -24.21 37.66
N ALA E 241 14.35 -24.74 38.86
CA ALA E 241 15.44 -25.68 39.09
C ALA E 241 15.24 -26.96 38.27
N GLY E 242 13.99 -27.34 38.05
CA GLY E 242 13.67 -28.47 37.19
C GLY E 242 13.69 -29.79 37.93
N THR E 243 12.81 -30.69 37.49
CA THR E 243 12.61 -32.00 38.10
C THR E 243 13.29 -33.06 37.24
N LYS E 244 14.31 -33.71 37.79
CA LYS E 244 14.99 -34.78 37.08
C LYS E 244 14.09 -36.02 37.03
N LEU E 245 14.16 -36.72 35.91
CA LEU E 245 13.54 -38.03 35.74
C LEU E 245 14.62 -39.09 35.70
N GLU E 246 14.41 -40.17 36.46
CA GLU E 246 15.37 -41.27 36.56
C GLU E 246 14.64 -42.59 36.43
N LEU E 247 15.16 -43.45 35.56
CA LEU E 247 14.58 -44.78 35.33
C LEU E 247 15.31 -45.83 36.19
C12 A1AFX F . 4.89 42.57 5.35
C13 A1AFX F . 5.38 42.23 4.12
C14 A1AFX F . 6.48 42.88 3.61
C15 A1AFX F . 7.07 43.88 4.33
C16 A1AFX F . 6.57 44.23 5.56
C25 A1AFX F . 13.64 45.14 9.86
C01 A1AFX F . 9.58 43.93 10.21
C02 A1AFX F . 10.92 44.23 10.32
C03 A1AFX F . 11.83 43.45 9.63
C04 A1AFX F . 11.37 42.39 8.86
C05 A1AFX F . 10.02 42.11 8.74
C06 A1AFX F . 9.13 42.90 9.43
C07 A1AFX F . 7.66 42.56 9.34
C08 A1AFX F . 6.77 43.70 8.91
C10 A1AFX F . 4.94 43.97 7.41
C11 A1AFX F . 5.48 43.58 6.05
C18 A1AFX F . 4.10 40.81 6.67
C19 A1AFX F . 4.55 39.63 5.83
C20 A1AFX F . 4.93 38.70 5.21
C22 A1AFX F . 11.99 40.26 8.09
C24 A1AFX F . 14.26 42.74 9.76
C27 A1AFX F . 8.74 44.51 12.29
N09 A1AFX F . 5.56 43.10 8.39
N23 A1AFX F . 13.24 43.76 9.75
O17 A1AFX F . 3.78 41.89 5.86
O21 A1AFX F . 12.28 41.62 8.15
O26 A1AFX F . 8.68 44.71 10.91
#